data_1Q3X
#
_entry.id   1Q3X
#
_cell.length_a   40.950
_cell.length_b   41.521
_cell.length_c   102.994
_cell.angle_alpha   96.44
_cell.angle_beta   91.77
_cell.angle_gamma   119.52
#
_symmetry.space_group_name_H-M   'P 1'
#
loop_
_entity.id
_entity.type
_entity.pdbx_description
1 polymer 'Mannan-binding lectin serine protease 2'
2 non-polymer 'SODIUM ION'
3 non-polymer GLYCEROL
4 water water
#
_entity_poly.entity_id   1
_entity_poly.type   'polypeptide(L)'
_entity_poly.pdbx_seq_one_letter_code
;ASMTIVDCGPPDDLPSGRVEYITGPGVTTYKAVIQYSCEETFYTMKVNDGKYVCEADGFWTSSKGEKSLPVCEPVCGLSA
RTTGGRIYGGQKAKPGDFPWQVLILGGTTAAGALLYDNWVLTAAHAVYEQKHDASALDIRMGTLKRLSPHYTQAWSEAVF
IHEGYTHDAGFDNDIALIKLNNKVVINSNITPICLPRKEAESFMRTDDIGTASGWGLTQRGFLARNLMYVDIPIVDHQKC
TAAYEKPPYPRGSVTANMLCAGLESGGKDSCRGDSGGALVFLDSETERWFVGGIVSWGSMNCGEAGQYGVYTKVINYIPW
IENIISDF
;
_entity_poly.pdbx_strand_id   A,B
#
loop_
_chem_comp.id
_chem_comp.type
_chem_comp.name
_chem_comp.formula
GOL non-polymer GLYCEROL 'C3 H8 O3'
NA non-polymer 'SODIUM ION' 'Na 1'
#
# COMPACT_ATOMS: atom_id res chain seq x y z
N THR A 4 51.99 0.44 36.78
CA THR A 4 51.28 -0.29 35.68
C THR A 4 49.77 -0.08 35.77
N ILE A 5 49.35 0.85 36.63
CA ILE A 5 47.94 1.12 36.83
C ILE A 5 47.25 1.59 35.54
N VAL A 6 45.98 1.21 35.38
CA VAL A 6 45.23 1.55 34.18
C VAL A 6 44.69 2.98 34.23
N ASP A 7 44.63 3.62 33.06
CA ASP A 7 44.11 4.98 32.93
C ASP A 7 42.84 4.99 32.07
N CYS A 8 41.71 5.34 32.69
CA CYS A 8 40.44 5.41 31.98
C CYS A 8 40.40 6.62 31.05
N GLY A 9 41.37 7.51 31.23
CA GLY A 9 41.46 8.73 30.45
C GLY A 9 40.39 9.75 30.85
N PRO A 10 40.23 10.79 30.03
CA PRO A 10 39.17 11.79 30.26
C PRO A 10 37.78 11.19 30.08
N PRO A 11 36.85 11.60 30.93
CA PRO A 11 35.46 11.13 30.83
C PRO A 11 34.84 11.53 29.49
N ASP A 12 33.90 10.74 29.00
CA ASP A 12 33.18 11.09 27.78
C ASP A 12 32.41 12.40 27.99
N ASP A 13 32.05 13.04 26.89
CA ASP A 13 31.24 14.25 26.94
C ASP A 13 29.78 13.91 27.24
N LEU A 14 29.21 14.60 28.24
CA LEU A 14 27.79 14.48 28.53
C LEU A 14 27.00 15.63 27.91
N PRO A 15 26.30 15.37 26.81
CA PRO A 15 25.49 16.38 26.13
C PRO A 15 24.48 17.01 27.08
N SER A 16 24.51 18.33 27.18
CA SER A 16 23.65 19.08 28.10
C SER A 16 24.02 18.82 29.56
N GLY A 17 25.26 18.40 29.78
CA GLY A 17 25.75 18.14 31.12
C GLY A 17 27.20 18.55 31.32
N ARG A 18 27.81 18.03 32.38
CA ARG A 18 29.19 18.39 32.71
C ARG A 18 29.87 17.30 33.55
N VAL A 19 31.18 17.16 33.37
CA VAL A 19 31.97 16.24 34.19
C VAL A 19 32.75 17.03 35.25
N GLU A 20 32.73 16.54 36.47
CA GLU A 20 33.47 17.16 37.56
C GLU A 20 34.25 16.09 38.30
N TYR A 21 35.52 16.38 38.59
CA TYR A 21 36.40 15.41 39.24
C TYR A 21 36.23 15.43 40.75
N ILE A 22 36.03 14.26 41.34
CA ILE A 22 35.87 14.17 42.78
C ILE A 22 37.20 13.88 43.47
N THR A 23 37.93 12.90 42.96
CA THR A 23 39.23 12.53 43.55
C THR A 23 40.23 13.68 43.42
N GLY A 24 40.47 14.13 42.19
CA GLY A 24 41.32 15.27 41.95
C GLY A 24 41.20 15.80 40.54
N PRO A 25 41.48 17.09 40.35
CA PRO A 25 41.38 17.74 39.04
C PRO A 25 42.19 17.04 37.97
N GLY A 26 41.53 16.28 37.11
CA GLY A 26 42.18 15.62 36.00
C GLY A 26 42.74 14.24 36.28
N VAL A 27 42.40 13.67 37.43
CA VAL A 27 42.89 12.33 37.77
C VAL A 27 41.93 11.25 37.27
N THR A 28 42.43 10.37 36.42
CA THR A 28 41.58 9.40 35.72
C THR A 28 42.09 7.98 35.89
N THR A 29 42.88 7.77 36.93
CA THR A 29 43.43 6.45 37.20
C THR A 29 42.44 5.55 37.93
N TYR A 30 42.72 4.26 37.92
CA TYR A 30 41.97 3.26 38.69
C TYR A 30 41.51 3.80 40.04
N LYS A 31 40.21 3.65 40.31
CA LYS A 31 39.61 4.02 41.59
C LYS A 31 39.21 5.49 41.69
N ALA A 32 39.60 6.29 40.69
CA ALA A 32 39.22 7.70 40.65
C ALA A 32 37.72 7.84 40.39
N VAL A 33 37.13 8.88 40.96
CA VAL A 33 35.69 9.09 40.93
C VAL A 33 35.36 10.40 40.22
N ILE A 34 34.30 10.41 39.42
CA ILE A 34 33.79 11.65 38.84
C ILE A 34 32.29 11.77 39.04
N GLN A 35 31.78 12.99 38.97
CA GLN A 35 30.34 13.22 39.06
C GLN A 35 29.82 13.93 37.81
N TYR A 36 28.87 13.29 37.15
CA TYR A 36 28.14 13.91 36.04
C TYR A 36 26.94 14.63 36.59
N SER A 37 26.61 15.78 35.99
CA SER A 37 25.37 16.47 36.31
C SER A 37 24.79 17.12 35.06
N CYS A 38 23.52 17.49 35.14
CA CYS A 38 22.83 18.11 34.02
C CYS A 38 22.63 19.59 34.28
N GLU A 39 22.40 20.38 33.27
CA GLU A 39 21.87 21.72 33.46
C GLU A 39 20.49 21.52 34.06
N GLU A 40 20.38 21.67 35.37
CA GLU A 40 19.20 21.14 36.09
C GLU A 40 17.91 21.96 35.98
N THR A 41 18.01 23.21 35.56
CA THR A 41 16.79 24.01 35.44
C THR A 41 15.87 23.44 34.37
N PHE A 42 16.46 22.95 33.28
CA PHE A 42 15.68 22.53 32.12
C PHE A 42 15.88 21.07 31.74
N TYR A 43 16.89 20.42 32.36
CA TYR A 43 17.22 19.03 32.08
C TYR A 43 17.23 18.23 33.38
N THR A 44 16.90 16.94 33.30
CA THR A 44 17.09 16.03 34.43
C THR A 44 17.90 14.80 34.02
N MET A 45 18.79 14.37 34.90
CA MET A 45 19.61 13.19 34.66
C MET A 45 18.77 11.93 34.77
N LYS A 46 18.91 11.06 33.79
CA LYS A 46 18.18 9.79 33.79
C LYS A 46 19.14 8.59 33.87
N VAL A 47 18.61 7.48 34.35
CA VAL A 47 19.29 6.17 34.36
C VAL A 47 20.53 6.06 35.27
N ASN A 48 21.02 7.15 35.85
CA ASN A 48 22.14 7.13 36.80
C ASN A 48 22.08 8.27 37.80
N ASP A 49 22.80 8.14 38.89
CA ASP A 49 22.97 9.28 39.78
C ASP A 49 24.22 10.05 39.38
N GLY A 50 24.93 9.54 38.38
CA GLY A 50 26.04 10.25 37.77
C GLY A 50 27.40 9.99 38.40
N LYS A 51 27.44 9.13 39.42
CA LYS A 51 28.69 8.75 40.06
C LYS A 51 29.38 7.63 39.29
N TYR A 52 30.53 7.93 38.69
CA TYR A 52 31.30 6.96 37.94
C TYR A 52 32.68 6.74 38.55
N VAL A 53 33.19 5.51 38.40
CA VAL A 53 34.50 5.15 38.94
C VAL A 53 35.33 4.44 37.88
N CYS A 54 36.65 4.58 37.97
CA CYS A 54 37.56 3.89 37.05
C CYS A 54 37.67 2.43 37.44
N GLU A 55 37.24 1.54 36.54
CA GLU A 55 37.23 0.11 36.81
C GLU A 55 38.52 -0.56 36.36
N ALA A 56 38.73 -1.80 36.78
CA ALA A 56 39.96 -2.52 36.48
C ALA A 56 40.13 -2.78 34.98
N ASP A 57 39.06 -2.61 34.22
CA ASP A 57 39.09 -2.88 32.78
C ASP A 57 39.28 -1.61 31.94
N GLY A 58 39.65 -0.52 32.58
CA GLY A 58 39.95 0.72 31.89
C GLY A 58 38.72 1.55 31.56
N PHE A 59 37.58 1.20 32.15
CA PHE A 59 36.32 1.85 31.83
C PHE A 59 35.73 2.62 33.01
N TRP A 60 35.15 3.77 32.73
CA TRP A 60 34.34 4.49 33.71
C TRP A 60 33.01 3.78 33.87
N THR A 61 32.64 3.40 35.08
CA THR A 61 31.39 2.68 35.30
C THR A 61 30.55 3.24 36.44
N SER A 62 29.24 3.24 36.25
CA SER A 62 28.29 3.82 37.20
C SER A 62 28.10 2.94 38.43
N SER A 63 27.30 3.44 39.37
CA SER A 63 26.96 2.70 40.57
C SER A 63 26.21 1.40 40.24
N LYS A 64 25.65 1.34 39.05
CA LYS A 64 24.92 0.16 38.60
C LYS A 64 25.81 -0.74 37.75
N GLY A 65 27.05 -0.30 37.52
CA GLY A 65 28.02 -1.06 36.76
C GLY A 65 27.85 -0.94 35.26
N GLU A 66 27.27 0.18 34.83
CA GLU A 66 27.02 0.42 33.41
C GLU A 66 28.20 1.13 32.75
N LYS A 67 28.57 0.67 31.56
CA LYS A 67 29.66 1.29 30.82
C LYS A 67 29.19 2.53 30.04
N SER A 68 27.88 2.65 29.86
CA SER A 68 27.30 3.75 29.11
C SER A 68 27.04 4.99 29.97
N LEU A 69 26.89 6.13 29.31
CA LEU A 69 26.69 7.41 29.98
C LEU A 69 25.26 7.55 30.52
N PRO A 70 25.07 8.45 31.48
CA PRO A 70 23.73 8.86 31.89
C PRO A 70 23.18 9.77 30.80
N VAL A 71 21.90 10.13 30.89
CA VAL A 71 21.28 10.95 29.85
C VAL A 71 20.68 12.21 30.46
N CYS A 72 21.00 13.37 29.89
CA CYS A 72 20.34 14.61 30.25
C CYS A 72 19.15 14.80 29.32
N GLU A 73 17.95 14.80 29.90
CA GLU A 73 16.72 14.85 29.14
C GLU A 73 15.95 16.13 29.48
N PRO A 74 15.58 16.89 28.45
CA PRO A 74 14.82 18.13 28.66
C PRO A 74 13.55 17.87 29.45
N VAL A 75 13.29 18.68 30.47
CA VAL A 75 12.02 18.63 31.19
C VAL A 75 10.88 18.91 30.20
N CYS A 76 9.78 18.17 30.29
CA CYS A 76 8.72 18.33 29.29
C CYS A 76 7.38 18.69 29.91
N GLY A 77 6.50 19.28 29.13
CA GLY A 77 5.11 19.47 29.53
C GLY A 77 4.83 20.60 30.50
N LEU A 78 5.77 21.53 30.64
CA LEU A 78 5.53 22.73 31.44
C LEU A 78 4.67 23.71 30.66
N SER A 79 3.81 24.44 31.37
CA SER A 79 2.93 25.41 30.75
C SER A 79 2.57 26.54 31.72
N ALA A 80 2.47 27.76 31.18
CA ALA A 80 2.02 28.89 31.97
C ALA A 80 0.51 28.82 32.19
N ARG A 81 -0.13 27.83 31.56
CA ARG A 81 -1.55 27.53 31.79
C ARG A 81 -1.73 26.68 33.05
N THR A 82 -0.64 26.04 33.47
CA THR A 82 -0.62 25.16 34.65
C THR A 82 -0.93 23.71 34.29
N ILE A 87 -7.40 27.87 14.28
CA ILE A 87 -8.20 27.61 15.48
C ILE A 87 -9.52 28.41 15.46
N TYR A 88 -10.63 27.67 15.47
CA TYR A 88 -11.98 28.24 15.43
C TYR A 88 -12.56 28.33 16.85
N GLY A 89 -13.09 29.49 17.20
CA GLY A 89 -13.74 29.69 18.49
C GLY A 89 -12.81 29.65 19.69
N GLY A 90 -11.55 30.00 19.48
CA GLY A 90 -10.58 29.98 20.57
C GLY A 90 -10.22 31.35 21.09
N GLN A 91 -9.03 31.43 21.69
CA GLN A 91 -8.52 32.70 22.19
C GLN A 91 -7.00 32.72 22.10
N LYS A 92 -6.43 33.90 22.30
CA LYS A 92 -5.00 34.13 22.10
C LYS A 92 -4.14 33.51 23.19
N ALA A 93 -3.14 32.75 22.78
CA ALA A 93 -2.17 32.17 23.70
C ALA A 93 -1.24 33.23 24.28
N LYS A 94 -0.76 32.98 25.50
CA LYS A 94 0.20 33.84 26.14
C LYS A 94 1.57 33.20 26.06
N PRO A 95 2.63 33.98 26.27
CA PRO A 95 3.99 33.43 26.31
C PRO A 95 4.05 32.33 27.35
N GLY A 96 4.67 31.20 27.00
CA GLY A 96 4.80 30.08 27.90
C GLY A 96 3.61 29.15 27.95
N ASP A 97 2.51 29.51 27.30
CA ASP A 97 1.33 28.65 27.27
C ASP A 97 1.62 27.36 26.53
N PHE A 98 2.17 27.49 25.32
CA PHE A 98 2.50 26.35 24.46
C PHE A 98 3.95 26.44 23.98
N PRO A 99 4.91 26.20 24.87
CA PRO A 99 6.32 26.45 24.55
C PRO A 99 6.91 25.41 23.58
N TRP A 100 6.19 24.31 23.36
CA TRP A 100 6.59 23.32 22.38
C TRP A 100 6.09 23.68 20.97
N GLN A 101 5.25 24.70 20.87
CA GLN A 101 4.64 25.04 19.60
C GLN A 101 5.70 25.44 18.57
N VAL A 102 5.62 24.83 17.40
CA VAL A 102 6.61 25.06 16.36
C VAL A 102 5.89 25.47 15.08
N LEU A 103 6.45 26.45 14.38
CA LEU A 103 5.95 26.86 13.07
C LEU A 103 6.82 26.26 11.96
N ILE A 104 6.15 25.68 10.96
CA ILE A 104 6.84 25.03 9.85
C ILE A 104 6.42 25.68 8.53
N LEU A 105 7.41 26.25 7.83
CA LEU A 105 7.16 26.97 6.59
C LEU A 105 7.54 26.13 5.36
N GLY A 106 7.51 26.73 4.19
CA GLY A 106 7.92 26.06 2.97
C GLY A 106 6.77 25.60 2.10
N GLY A 107 5.76 25.00 2.71
CA GLY A 107 4.52 24.67 2.02
C GLY A 107 3.48 25.67 2.45
N THR A 108 2.25 25.21 2.66
CA THR A 108 1.23 26.07 3.25
C THR A 108 1.43 26.06 4.76
N THR A 109 0.91 27.07 5.45
CA THR A 109 1.11 27.17 6.90
C THR A 109 0.85 25.84 7.60
N ALA A 110 1.82 25.40 8.41
CA ALA A 110 1.66 24.19 9.20
C ALA A 110 2.43 24.31 10.51
N ALA A 111 2.28 23.32 11.39
CA ALA A 111 2.89 23.40 12.71
C ALA A 111 3.44 22.05 13.18
N GLY A 112 4.15 22.08 14.29
CA GLY A 112 4.58 20.87 14.95
C GLY A 112 4.72 21.05 16.45
N ALA A 113 5.28 20.05 17.11
CA ALA A 113 5.56 20.17 18.53
C ALA A 113 6.96 19.66 18.82
N LEU A 114 7.73 20.45 19.55
CA LEU A 114 9.07 20.07 19.96
C LEU A 114 9.07 18.83 20.85
N LEU A 115 9.92 17.86 20.52
CA LEU A 115 10.24 16.75 21.42
C LEU A 115 11.73 16.82 21.75
N TYR A 116 12.07 16.50 23.01
CA TYR A 116 13.46 16.60 23.45
C TYR A 116 13.94 18.01 23.11
N ASP A 117 15.21 18.18 22.77
CA ASP A 117 15.67 19.49 22.30
C ASP A 117 16.11 19.44 20.84
N ASN A 118 15.73 18.40 20.10
CA ASN A 118 16.19 18.28 18.72
C ASN A 118 15.28 17.51 17.77
N TRP A 119 14.02 17.32 18.16
CA TRP A 119 13.04 16.65 17.31
C TRP A 119 11.73 17.45 17.24
N VAL A 120 11.01 17.28 16.14
CA VAL A 120 9.71 17.92 16.00
C VAL A 120 8.68 16.88 15.54
N LEU A 121 7.62 16.71 16.32
CA LEU A 121 6.51 15.86 15.94
C LEU A 121 5.51 16.66 15.13
N THR A 122 5.09 16.12 13.98
CA THR A 122 4.11 16.81 13.13
C THR A 122 3.27 15.82 12.33
N ALA A 123 2.44 16.34 11.42
CA ALA A 123 1.62 15.49 10.57
C ALA A 123 2.40 15.19 9.28
N ALA A 124 2.29 13.96 8.78
CA ALA A 124 2.93 13.61 7.50
C ALA A 124 2.41 14.49 6.37
N HIS A 125 1.11 14.77 6.34
CA HIS A 125 0.52 15.52 5.25
C HIS A 125 1.08 16.94 5.21
N ALA A 126 1.48 17.43 6.38
CA ALA A 126 2.00 18.79 6.50
C ALA A 126 3.37 18.97 5.86
N VAL A 127 4.16 17.89 5.80
CA VAL A 127 5.55 18.01 5.36
C VAL A 127 5.91 17.09 4.20
N TYR A 128 4.95 16.29 3.75
CA TYR A 128 5.19 15.29 2.70
C TYR A 128 5.79 15.91 1.44
N GLU A 129 5.18 16.99 0.96
CA GLU A 129 5.58 17.62 -0.29
C GLU A 129 7.00 18.20 -0.22
N GLN A 130 7.31 18.83 0.90
CA GLN A 130 8.61 19.45 1.10
C GLN A 130 9.72 18.41 1.23
N LYS A 131 9.44 17.34 1.96
CA LYS A 131 10.44 16.29 2.16
C LYS A 131 10.81 15.64 0.83
N HIS A 132 9.80 15.35 0.01
CA HIS A 132 10.00 14.68 -1.27
C HIS A 132 10.38 15.63 -2.39
N ASP A 133 10.60 16.89 -2.03
CA ASP A 133 11.23 17.82 -2.97
C ASP A 133 12.66 18.09 -2.48
N ALA A 134 13.08 17.31 -1.49
CA ALA A 134 14.44 17.36 -0.93
C ALA A 134 14.81 18.76 -0.45
N SER A 135 13.84 19.45 0.13
CA SER A 135 14.03 20.80 0.62
C SER A 135 14.02 20.79 2.15
N ALA A 136 15.08 21.33 2.75
CA ALA A 136 15.15 21.45 4.20
C ALA A 136 14.00 22.35 4.69
N LEU A 137 13.40 21.98 5.82
CA LEU A 137 12.26 22.72 6.35
C LEU A 137 12.72 23.90 7.19
N ASP A 138 12.07 25.05 6.97
CA ASP A 138 12.28 26.27 7.74
C ASP A 138 11.43 26.18 9.00
N ILE A 139 12.09 25.99 10.14
CA ILE A 139 11.39 25.70 11.38
C ILE A 139 11.66 26.80 12.38
N ARG A 140 10.58 27.35 12.95
CA ARG A 140 10.66 28.51 13.84
C ARG A 140 9.92 28.26 15.13
N MET A 141 10.56 28.60 16.24
CA MET A 141 9.88 28.49 17.53
C MET A 141 10.16 29.69 18.42
N GLY A 142 9.62 29.66 19.63
CA GLY A 142 9.81 30.74 20.59
C GLY A 142 9.09 32.02 20.24
N THR A 143 8.17 31.96 19.27
CA THR A 143 7.40 33.15 18.87
C THR A 143 5.89 32.88 18.80
N LEU A 144 5.11 33.87 19.20
CA LEU A 144 3.66 33.78 19.19
C LEU A 144 3.12 34.32 17.87
N LYS A 145 3.89 35.21 17.26
CA LYS A 145 3.48 35.86 16.01
C LYS A 145 4.08 35.13 14.83
N ARG A 146 3.20 34.61 13.99
CA ARG A 146 3.56 33.82 12.82
C ARG A 146 4.50 34.55 11.86
N LEU A 147 4.26 35.85 11.66
CA LEU A 147 4.98 36.62 10.65
C LEU A 147 6.06 37.53 11.25
N SER A 148 6.45 37.27 12.49
CA SER A 148 7.49 38.05 13.15
C SER A 148 8.88 37.71 12.61
N PRO A 149 9.74 38.72 12.51
CA PRO A 149 11.17 38.50 12.21
C PRO A 149 11.95 37.97 13.40
N HIS A 150 11.32 37.93 14.57
CA HIS A 150 12.00 37.50 15.79
C HIS A 150 11.52 36.13 16.23
N TYR A 151 12.41 35.15 16.13
CA TYR A 151 12.09 33.78 16.50
C TYR A 151 13.39 32.99 16.59
N THR A 152 13.29 31.79 17.16
CA THR A 152 14.41 30.86 17.17
C THR A 152 14.36 29.99 15.92
N GLN A 153 15.45 30.04 15.17
CA GLN A 153 15.56 29.33 13.90
C GLN A 153 16.11 27.93 14.09
N ALA A 154 15.44 26.95 13.49
CA ALA A 154 15.96 25.59 13.41
C ALA A 154 15.83 25.11 11.96
N TRP A 155 16.60 24.09 11.60
CA TRP A 155 16.56 23.56 10.26
C TRP A 155 16.48 22.04 10.33
N SER A 156 15.68 21.44 9.46
CA SER A 156 15.55 20.00 9.44
C SER A 156 16.82 19.37 8.90
N GLU A 157 17.22 18.27 9.52
CA GLU A 157 18.32 17.45 9.03
C GLU A 157 17.75 16.21 8.34
N ALA A 158 16.63 15.73 8.84
CA ALA A 158 15.95 14.57 8.24
C ALA A 158 14.46 14.58 8.59
N VAL A 159 13.66 14.08 7.67
CA VAL A 159 12.23 13.98 7.87
C VAL A 159 11.82 12.53 7.71
N PHE A 160 11.18 11.98 8.73
CA PHE A 160 10.68 10.61 8.67
C PHE A 160 9.17 10.61 8.57
N ILE A 161 8.66 10.13 7.44
CA ILE A 161 7.23 10.01 7.23
C ILE A 161 6.83 8.58 7.54
N HIS A 162 5.78 8.37 8.33
CA HIS A 162 5.36 7.01 8.65
C HIS A 162 5.18 6.22 7.37
N GLU A 163 5.69 5.00 7.34
CA GLU A 163 5.70 4.25 6.10
C GLU A 163 4.34 3.64 5.74
N GLY A 164 3.36 3.80 6.63
CA GLY A 164 1.98 3.42 6.33
C GLY A 164 1.12 4.56 5.82
N TYR A 165 1.69 5.76 5.76
CA TYR A 165 0.98 6.94 5.24
C TYR A 165 0.99 6.93 3.70
N THR A 166 -0.17 7.22 3.10
CA THR A 166 -0.27 7.34 1.64
C THR A 166 -0.85 8.71 1.28
N HIS A 167 0.02 9.63 0.87
CA HIS A 167 -0.36 11.00 0.56
C HIS A 167 -1.55 11.11 -0.40
N ASP A 168 -2.54 11.91 -0.02
CA ASP A 168 -3.71 12.18 -0.85
C ASP A 168 -4.64 10.99 -0.95
N ALA A 169 -4.44 9.99 -0.10
CA ALA A 169 -5.30 8.81 -0.07
C ALA A 169 -5.68 8.46 1.37
N GLY A 170 -6.43 9.35 2.01
CA GLY A 170 -6.80 9.16 3.40
C GLY A 170 -5.66 9.64 4.31
N PHE A 171 -5.94 9.67 5.61
CA PHE A 171 -4.98 10.20 6.58
C PHE A 171 -4.58 9.18 7.62
N ASP A 172 -4.79 7.90 7.31
CA ASP A 172 -4.31 6.84 8.20
C ASP A 172 -2.79 6.96 8.30
N ASN A 173 -2.26 6.84 9.51
CA ASN A 173 -0.83 6.94 9.75
C ASN A 173 -0.27 8.33 9.45
N ASP A 174 -1.08 9.35 9.68
CA ASP A 174 -0.67 10.73 9.40
C ASP A 174 0.25 11.26 10.49
N ILE A 175 1.52 10.88 10.42
CA ILE A 175 2.48 11.27 11.44
C ILE A 175 3.88 11.29 10.87
N ALA A 176 4.70 12.22 11.35
CA ALA A 176 6.06 12.38 10.85
C ALA A 176 6.97 12.93 11.95
N LEU A 177 8.26 12.65 11.82
CA LEU A 177 9.25 13.19 12.75
C LEU A 177 10.32 13.97 11.98
N ILE A 178 10.63 15.15 12.48
CA ILE A 178 11.71 15.94 11.93
C ILE A 178 12.85 15.97 12.93
N LYS A 179 14.03 15.57 12.47
CA LYS A 179 15.22 15.73 13.29
C LYS A 179 15.85 17.08 12.95
N LEU A 180 16.12 17.88 13.98
CA LEU A 180 16.76 19.17 13.76
C LEU A 180 18.27 18.99 13.67
N ASN A 181 18.94 19.83 12.88
CA ASN A 181 20.39 19.66 12.69
C ASN A 181 21.22 20.13 13.89
N ASN A 182 20.56 20.84 14.81
CA ASN A 182 21.21 21.27 16.05
C ASN A 182 20.22 21.25 17.22
N LYS A 183 20.75 21.09 18.43
CA LYS A 183 19.94 21.19 19.63
C LYS A 183 19.38 22.61 19.77
N VAL A 184 18.10 22.71 20.09
CA VAL A 184 17.49 23.99 20.44
C VAL A 184 17.93 24.35 21.85
N VAL A 185 18.18 25.63 22.09
CA VAL A 185 18.41 26.10 23.46
C VAL A 185 17.08 26.15 24.20
N ILE A 186 16.94 25.32 25.23
CA ILE A 186 15.71 25.17 26.00
C ILE A 186 15.55 26.25 27.08
N ASN A 187 14.45 27.00 27.02
CA ASN A 187 14.13 28.00 28.04
C ASN A 187 12.64 28.07 28.34
N SER A 188 12.24 29.05 29.15
CA SER A 188 10.84 29.19 29.55
C SER A 188 9.90 29.30 28.36
N ASN A 189 10.40 29.86 27.24
CA ASN A 189 9.60 30.01 26.04
C ASN A 189 9.72 28.86 25.06
N ILE A 190 10.72 28.01 25.27
CA ILE A 190 10.90 26.84 24.40
C ILE A 190 11.20 25.58 25.21
N THR A 191 10.18 24.74 25.41
CA THR A 191 10.34 23.44 26.07
C THR A 191 9.47 22.41 25.36
N PRO A 192 9.92 21.16 25.32
CA PRO A 192 9.22 20.10 24.60
C PRO A 192 7.93 19.68 25.30
N ILE A 193 7.01 19.10 24.52
CA ILE A 193 5.83 18.45 25.04
C ILE A 193 6.24 17.04 25.49
N CYS A 194 5.52 16.48 26.45
CA CYS A 194 5.78 15.10 26.89
C CYS A 194 5.09 14.10 25.96
N LEU A 195 5.76 12.99 25.69
CA LEU A 195 5.13 11.87 25.01
C LEU A 195 4.22 11.17 26.01
N PRO A 196 3.08 10.66 25.55
CA PRO A 196 2.12 9.97 26.43
C PRO A 196 2.70 8.70 27.03
N ARG A 197 2.56 8.53 28.35
CA ARG A 197 2.98 7.29 29.00
C ARG A 197 1.89 6.23 28.83
N LYS A 198 2.19 5.00 29.27
CA LYS A 198 1.29 3.87 29.09
C LYS A 198 -0.16 4.21 29.42
N GLU A 199 -0.36 4.80 30.59
CA GLU A 199 -1.69 5.02 31.12
C GLU A 199 -2.29 6.37 30.77
N ALA A 200 -1.67 7.08 29.83
CA ALA A 200 -2.17 8.40 29.41
C ALA A 200 -3.60 8.33 28.83
N GLU A 201 -4.03 7.14 28.42
CA GLU A 201 -5.38 6.93 27.93
C GLU A 201 -6.43 7.29 29.00
N SER A 202 -6.07 7.17 30.27
CA SER A 202 -6.98 7.53 31.36
C SER A 202 -7.34 9.01 31.36
N PHE A 203 -6.54 9.83 30.68
CA PHE A 203 -6.82 11.25 30.56
C PHE A 203 -7.36 11.58 29.18
N MET A 204 -7.60 10.54 28.38
CA MET A 204 -8.07 10.73 27.01
C MET A 204 -9.34 9.93 26.73
N ARG A 205 -10.28 9.95 27.67
CA ARG A 205 -11.53 9.25 27.45
C ARG A 205 -12.55 10.21 26.86
N THR A 206 -13.61 9.65 26.30
CA THR A 206 -14.71 10.46 25.80
C THR A 206 -15.08 11.54 26.79
N ASP A 207 -15.17 12.78 26.31
CA ASP A 207 -15.52 13.95 27.14
C ASP A 207 -14.35 14.55 27.90
N ASP A 208 -13.19 13.90 27.85
CA ASP A 208 -11.98 14.50 28.42
C ASP A 208 -11.56 15.64 27.52
N ILE A 209 -10.95 16.66 28.13
CA ILE A 209 -10.66 17.90 27.44
C ILE A 209 -9.22 17.95 26.95
N GLY A 210 -9.04 18.26 25.67
CA GLY A 210 -7.72 18.48 25.13
C GLY A 210 -7.62 19.89 24.58
N THR A 211 -6.41 20.31 24.24
CA THR A 211 -6.20 21.65 23.74
C THR A 211 -5.50 21.65 22.39
N ALA A 212 -6.12 22.30 21.42
CA ALA A 212 -5.50 22.48 20.12
C ALA A 212 -4.99 23.91 20.04
N SER A 213 -3.79 24.09 19.52
CA SER A 213 -3.22 25.43 19.35
C SER A 213 -2.67 25.60 17.95
N GLY A 214 -2.73 26.81 17.42
CA GLY A 214 -2.16 27.04 16.11
C GLY A 214 -2.48 28.40 15.52
N TRP A 215 -2.00 28.60 14.30
CA TRP A 215 -2.16 29.86 13.60
C TRP A 215 -3.14 29.68 12.42
N GLY A 216 -3.86 28.56 12.42
CA GLY A 216 -4.80 28.26 11.35
C GLY A 216 -6.04 29.15 11.33
N LEU A 217 -6.96 28.83 10.42
CA LEU A 217 -8.15 29.66 10.20
C LEU A 217 -8.98 29.82 11.47
N THR A 218 -9.48 31.04 11.69
CA THR A 218 -10.41 31.32 12.76
C THR A 218 -11.81 31.40 12.16
N GLN A 219 -12.80 31.82 12.95
CA GLN A 219 -14.16 31.95 12.44
C GLN A 219 -14.27 33.03 11.36
N ARG A 220 -13.28 33.90 11.26
CA ARG A 220 -13.26 34.94 10.22
C ARG A 220 -12.95 34.36 8.85
N GLY A 221 -12.36 33.16 8.84
CA GLY A 221 -12.01 32.51 7.59
C GLY A 221 -10.61 32.86 7.11
N PHE A 222 -9.82 33.44 8.01
CA PHE A 222 -8.43 33.77 7.70
C PHE A 222 -7.51 33.18 8.74
N LEU A 223 -6.25 32.97 8.36
CA LEU A 223 -5.22 32.54 9.29
C LEU A 223 -5.12 33.56 10.43
N ALA A 224 -4.63 33.14 11.57
CA ALA A 224 -4.39 34.07 12.68
C ALA A 224 -2.95 34.58 12.63
N ARG A 225 -2.73 35.79 13.11
CA ARG A 225 -1.38 36.35 13.15
C ARG A 225 -0.69 35.88 14.42
N ASN A 226 -1.48 35.76 15.49
CA ASN A 226 -0.99 35.33 16.79
C ASN A 226 -1.48 33.92 17.08
N LEU A 227 -0.70 33.17 17.86
CA LEU A 227 -1.04 31.82 18.25
C LEU A 227 -2.34 31.80 19.03
N MET A 228 -3.26 30.94 18.61
CA MET A 228 -4.56 30.75 19.30
C MET A 228 -4.66 29.35 19.87
N TYR A 229 -5.62 29.14 20.76
CA TYR A 229 -5.91 27.80 21.27
C TYR A 229 -7.40 27.61 21.64
N VAL A 230 -7.86 26.36 21.63
CA VAL A 230 -9.17 26.00 22.17
C VAL A 230 -9.13 24.69 22.95
N ASP A 231 -9.96 24.61 23.98
CA ASP A 231 -10.20 23.37 24.70
C ASP A 231 -11.38 22.66 24.07
N ILE A 232 -11.21 21.39 23.72
CA ILE A 232 -12.28 20.63 23.07
C ILE A 232 -12.37 19.23 23.64
N PRO A 233 -13.59 18.69 23.74
CA PRO A 233 -13.80 17.36 24.30
C PRO A 233 -13.50 16.28 23.27
N ILE A 234 -12.96 15.16 23.72
CA ILE A 234 -12.84 13.95 22.91
C ILE A 234 -14.24 13.43 22.59
N VAL A 235 -14.43 13.08 21.32
CA VAL A 235 -15.72 12.60 20.84
C VAL A 235 -15.71 11.09 20.69
N ASP A 236 -16.83 10.46 21.07
CA ASP A 236 -17.01 9.02 20.88
C ASP A 236 -16.65 8.58 19.47
N HIS A 237 -15.88 7.50 19.37
CA HIS A 237 -15.30 7.09 18.09
C HIS A 237 -16.36 6.63 17.06
N GLN A 238 -17.38 5.92 17.51
CA GLN A 238 -18.45 5.50 16.61
C GLN A 238 -19.23 6.70 16.10
N LYS A 239 -19.51 7.64 16.99
CA LYS A 239 -20.18 8.88 16.65
C LYS A 239 -19.38 9.64 15.60
N CYS A 240 -18.06 9.66 15.78
CA CYS A 240 -17.20 10.37 14.84
C CYS A 240 -17.09 9.64 13.52
N THR A 241 -17.01 8.32 13.59
CA THR A 241 -17.00 7.48 12.40
C THR A 241 -18.24 7.74 11.54
N ALA A 242 -19.41 7.70 12.16
CA ALA A 242 -20.68 7.89 11.44
C ALA A 242 -20.76 9.27 10.77
N ALA A 243 -20.13 10.26 11.39
CA ALA A 243 -20.19 11.63 10.89
C ALA A 243 -19.45 11.77 9.55
N TYR A 244 -18.55 10.83 9.27
CA TYR A 244 -17.78 10.89 8.03
C TYR A 244 -18.14 9.77 7.06
N GLU A 245 -19.21 9.05 7.40
CA GLU A 245 -19.73 7.98 6.57
C GLU A 245 -20.72 8.55 5.56
N LYS A 246 -20.20 9.37 4.65
CA LYS A 246 -21.02 10.02 3.63
C LYS A 246 -20.10 10.66 2.61
N PRO A 247 -20.59 10.86 1.39
CA PRO A 247 -19.85 11.61 0.37
C PRO A 247 -19.49 13.00 0.92
N PRO A 248 -18.32 13.52 0.58
CA PRO A 248 -17.41 12.94 -0.40
C PRO A 248 -16.30 12.07 0.20
N TYR A 249 -16.46 11.67 1.46
CA TYR A 249 -15.45 10.87 2.15
C TYR A 249 -15.47 9.39 1.73
N PRO A 250 -14.29 8.85 1.46
CA PRO A 250 -14.16 7.43 1.12
C PRO A 250 -14.48 6.55 2.32
N ARG A 251 -14.97 5.34 2.08
CA ARG A 251 -15.27 4.37 3.13
C ARG A 251 -14.09 4.23 4.09
N GLY A 252 -14.39 4.12 5.38
CA GLY A 252 -13.36 3.88 6.36
C GLY A 252 -12.34 4.99 6.49
N SER A 253 -12.79 6.24 6.42
CA SER A 253 -11.90 7.38 6.56
C SER A 253 -11.44 7.58 7.99
N VAL A 254 -12.30 7.27 8.96
CA VAL A 254 -11.91 7.34 10.36
C VAL A 254 -11.46 5.94 10.82
N THR A 255 -10.20 5.82 11.23
CA THR A 255 -9.63 4.53 11.62
C THR A 255 -9.27 4.48 13.11
N ALA A 256 -8.86 3.28 13.54
CA ALA A 256 -8.42 3.06 14.91
C ALA A 256 -7.15 3.83 15.25
N ASN A 257 -6.50 4.40 14.24
CA ASN A 257 -5.32 5.23 14.48
C ASN A 257 -5.65 6.71 14.57
N MET A 258 -6.91 7.02 14.87
CA MET A 258 -7.37 8.38 14.97
C MET A 258 -8.27 8.56 16.19
N LEU A 259 -8.24 9.75 16.78
CA LEU A 259 -9.26 10.15 17.74
C LEU A 259 -9.90 11.44 17.24
N CYS A 260 -11.12 11.69 17.71
CA CYS A 260 -11.85 12.89 17.30
C CYS A 260 -12.14 13.80 18.47
N ALA A 261 -12.23 15.09 18.18
CA ALA A 261 -12.48 16.08 19.23
C ALA A 261 -13.19 17.28 18.64
N GLY A 262 -14.16 17.81 19.37
CA GLY A 262 -14.94 18.94 18.92
C GLY A 262 -16.32 18.95 19.54
N LEU A 263 -17.15 19.90 19.09
CA LEU A 263 -18.51 20.05 19.58
C LEU A 263 -19.52 19.61 18.52
N GLU A 264 -20.71 19.25 18.98
CA GLU A 264 -21.82 18.97 18.09
C GLU A 264 -22.22 20.19 17.26
N SER A 265 -21.97 21.38 17.83
CA SER A 265 -22.37 22.64 17.20
C SER A 265 -21.33 23.17 16.21
N GLY A 266 -20.11 22.67 16.32
CA GLY A 266 -19.02 23.13 15.49
C GLY A 266 -18.32 24.38 16.04
N GLY A 267 -18.76 24.86 17.19
CA GLY A 267 -18.25 26.11 17.73
C GLY A 267 -16.77 26.19 18.06
N LYS A 268 -16.11 25.04 18.20
CA LYS A 268 -14.69 24.99 18.54
C LYS A 268 -14.00 23.93 17.70
N ASP A 269 -12.92 24.30 17.03
CA ASP A 269 -12.32 23.41 16.03
C ASP A 269 -10.89 23.83 15.68
N SER A 270 -10.14 22.94 15.06
CA SER A 270 -8.87 23.30 14.47
C SER A 270 -9.09 23.33 12.95
N CYS A 271 -8.36 24.18 12.23
CA CYS A 271 -8.64 24.38 10.82
C CYS A 271 -7.42 24.27 9.94
N ARG A 272 -7.64 24.44 8.64
CA ARG A 272 -6.57 24.68 7.68
C ARG A 272 -5.53 25.61 8.32
N GLY A 273 -4.26 25.19 8.29
CA GLY A 273 -3.18 25.94 8.87
C GLY A 273 -2.79 25.48 10.26
N ASP A 274 -3.67 24.70 10.90
CA ASP A 274 -3.40 24.14 12.21
C ASP A 274 -2.69 22.79 12.09
N SER A 275 -2.68 22.26 10.87
CA SER A 275 -2.03 20.99 10.52
C SER A 275 -0.71 20.75 11.23
N GLY A 276 -0.57 19.58 11.83
CA GLY A 276 0.67 19.19 12.48
C GLY A 276 0.74 19.53 13.96
N GLY A 277 -0.10 20.46 14.40
CA GLY A 277 -0.14 20.85 15.80
C GLY A 277 -0.45 19.71 16.74
N ALA A 278 0.09 19.79 17.95
CA ALA A 278 -0.18 18.82 19.00
C ALA A 278 -1.49 19.15 19.71
N LEU A 279 -2.36 18.15 19.79
CA LEU A 279 -3.53 18.21 20.66
C LEU A 279 -3.06 17.69 22.02
N VAL A 280 -2.94 18.59 22.99
CA VAL A 280 -2.36 18.27 24.29
C VAL A 280 -3.40 18.03 25.38
N PHE A 281 -3.02 17.25 26.38
CA PHE A 281 -3.89 16.93 27.51
C PHE A 281 -3.05 17.06 28.79
N LEU A 282 -3.71 17.31 29.92
CA LEU A 282 -2.98 17.46 31.18
C LEU A 282 -3.02 16.20 32.05
N ASP A 283 -1.86 15.62 32.29
CA ASP A 283 -1.73 14.56 33.28
C ASP A 283 -1.85 15.22 34.64
N SER A 284 -3.01 15.10 35.27
CA SER A 284 -3.28 15.82 36.52
C SER A 284 -2.47 15.32 37.72
N GLU A 285 -1.81 14.19 37.56
CA GLU A 285 -1.00 13.64 38.64
C GLU A 285 0.46 14.11 38.57
N THR A 286 1.05 14.11 37.37
CA THR A 286 2.41 14.64 37.22
C THR A 286 2.35 16.15 37.05
N GLU A 287 1.19 16.66 36.64
CA GLU A 287 1.00 18.07 36.36
C GLU A 287 1.81 18.52 35.16
N ARG A 288 1.92 17.62 34.18
CA ARG A 288 2.66 17.88 32.96
C ARG A 288 1.74 17.63 31.78
N TRP A 289 1.87 18.46 30.76
CA TRP A 289 1.08 18.29 29.56
C TRP A 289 1.72 17.25 28.64
N PHE A 290 0.91 16.53 27.88
CA PHE A 290 1.44 15.55 26.94
C PHE A 290 0.66 15.60 25.64
N VAL A 291 1.24 15.06 24.57
CA VAL A 291 0.62 15.10 23.28
C VAL A 291 -0.15 13.80 23.05
N GLY A 292 -1.47 13.91 22.93
CA GLY A 292 -2.29 12.75 22.65
C GLY A 292 -2.76 12.69 21.20
N GLY A 293 -2.75 13.85 20.54
CA GLY A 293 -3.17 13.91 19.14
C GLY A 293 -2.36 14.86 18.28
N ILE A 294 -2.43 14.66 16.98
CA ILE A 294 -1.85 15.56 15.99
C ILE A 294 -2.94 16.06 15.06
N VAL A 295 -3.00 17.37 14.84
CA VAL A 295 -4.00 17.94 13.93
C VAL A 295 -3.85 17.33 12.53
N SER A 296 -4.83 16.54 12.12
CA SER A 296 -4.72 15.78 10.90
C SER A 296 -5.72 16.20 9.80
N TRP A 297 -7.00 15.97 10.03
CA TRP A 297 -8.01 16.32 9.04
C TRP A 297 -9.39 16.55 9.65
N GLY A 298 -10.34 16.90 8.79
CA GLY A 298 -11.72 17.13 9.18
C GLY A 298 -12.47 17.52 7.91
N SER A 299 -13.70 18.01 8.06
CA SER A 299 -14.44 18.50 6.91
C SER A 299 -13.79 19.78 6.38
N MET A 300 -14.02 20.05 5.11
CA MET A 300 -13.45 21.21 4.41
C MET A 300 -13.78 22.54 5.08
N ASN A 301 -15.03 22.72 5.50
CA ASN A 301 -15.41 23.92 6.23
C ASN A 301 -15.12 23.81 7.72
N CYS A 302 -14.42 24.80 8.26
CA CYS A 302 -14.04 24.74 9.67
C CYS A 302 -15.16 25.13 10.61
N GLY A 303 -15.24 24.40 11.72
CA GLY A 303 -16.26 24.66 12.72
C GLY A 303 -17.65 24.28 12.25
N GLU A 304 -17.71 23.30 11.35
CA GLU A 304 -18.99 22.81 10.83
C GLU A 304 -19.65 21.90 11.88
N ALA A 305 -20.95 22.12 12.10
CA ALA A 305 -21.69 21.34 13.11
C ALA A 305 -21.72 19.85 12.76
N GLY A 306 -21.42 19.00 13.73
CA GLY A 306 -21.49 17.57 13.53
C GLY A 306 -20.33 16.95 12.75
N GLN A 307 -19.34 17.76 12.38
CA GLN A 307 -18.15 17.24 11.69
C GLN A 307 -16.89 17.50 12.52
N TYR A 308 -16.59 16.55 13.40
CA TYR A 308 -15.53 16.68 14.39
C TYR A 308 -14.15 16.70 13.75
N GLY A 309 -13.22 17.40 14.39
CA GLY A 309 -11.83 17.37 14.00
C GLY A 309 -11.30 15.96 14.23
N VAL A 310 -10.45 15.49 13.32
CA VAL A 310 -9.90 14.15 13.43
C VAL A 310 -8.40 14.23 13.64
N TYR A 311 -7.91 13.59 14.70
CA TYR A 311 -6.52 13.70 15.10
C TYR A 311 -5.84 12.35 15.06
N THR A 312 -4.56 12.34 14.67
CA THR A 312 -3.75 11.14 14.73
C THR A 312 -3.61 10.72 16.19
N LYS A 313 -3.85 9.44 16.46
CA LYS A 313 -3.81 8.92 17.83
C LYS A 313 -2.37 8.59 18.21
N VAL A 314 -1.69 9.58 18.82
CA VAL A 314 -0.27 9.50 19.05
C VAL A 314 0.18 8.26 19.82
N ILE A 315 -0.61 7.82 20.80
CA ILE A 315 -0.21 6.70 21.65
C ILE A 315 -0.01 5.40 20.83
N ASN A 316 -0.71 5.29 19.70
CA ASN A 316 -0.55 4.15 18.81
C ASN A 316 0.85 4.09 18.18
N TYR A 317 1.52 5.24 18.14
CA TYR A 317 2.79 5.36 17.44
C TYR A 317 4.02 5.51 18.34
N ILE A 318 3.84 5.27 19.63
CA ILE A 318 4.95 5.34 20.59
C ILE A 318 6.15 4.44 20.20
N PRO A 319 5.91 3.18 19.84
CA PRO A 319 6.99 2.31 19.37
C PRO A 319 7.71 2.85 18.13
N TRP A 320 6.94 3.32 17.16
CA TRP A 320 7.49 3.94 15.95
C TRP A 320 8.33 5.17 16.31
N ILE A 321 7.77 6.06 17.12
CA ILE A 321 8.49 7.26 17.58
C ILE A 321 9.80 6.90 18.31
N GLU A 322 9.71 6.00 19.28
CA GLU A 322 10.90 5.57 20.02
C GLU A 322 11.93 4.84 19.14
N ASN A 323 11.47 4.08 18.15
CA ASN A 323 12.35 3.46 17.18
C ASN A 323 13.20 4.49 16.43
N ILE A 324 12.55 5.52 15.92
CA ILE A 324 13.25 6.51 15.09
C ILE A 324 14.14 7.41 15.94
N ILE A 325 13.60 7.92 17.04
CA ILE A 325 14.38 8.79 17.89
C ILE A 325 15.60 8.07 18.49
N SER A 326 15.42 6.81 18.88
CA SER A 326 16.55 6.06 19.45
C SER A 326 17.60 5.68 18.40
N ASP A 327 17.16 5.48 17.16
CA ASP A 327 18.05 4.98 16.12
C ASP A 327 18.80 6.08 15.35
N PHE A 328 18.35 7.33 15.49
CA PHE A 328 18.99 8.43 14.78
C PHE A 328 19.34 9.56 15.75
N CYS B 8 -46.62 -18.48 -22.74
CA CYS B 8 -45.28 -17.99 -22.31
C CYS B 8 -44.60 -17.18 -23.41
N GLY B 9 -45.16 -17.24 -24.63
CA GLY B 9 -44.60 -16.55 -25.77
C GLY B 9 -43.33 -17.24 -26.25
N PRO B 10 -42.67 -16.66 -27.24
CA PRO B 10 -41.42 -17.22 -27.75
C PRO B 10 -40.39 -17.37 -26.63
N PRO B 11 -39.64 -18.46 -26.64
CA PRO B 11 -38.64 -18.71 -25.60
C PRO B 11 -37.38 -17.89 -25.89
N ASP B 12 -36.65 -17.52 -24.84
CA ASP B 12 -35.46 -16.69 -25.02
C ASP B 12 -34.43 -17.39 -25.90
N ASP B 13 -33.68 -16.61 -26.68
CA ASP B 13 -32.58 -17.14 -27.46
C ASP B 13 -31.49 -17.61 -26.51
N LEU B 14 -30.88 -18.74 -26.83
CA LEU B 14 -29.77 -19.27 -26.04
C LEU B 14 -28.45 -19.06 -26.78
N PRO B 15 -27.59 -18.23 -26.22
CA PRO B 15 -26.29 -17.94 -26.83
C PRO B 15 -25.51 -19.22 -27.10
N SER B 16 -24.97 -19.35 -28.30
CA SER B 16 -24.17 -20.51 -28.69
C SER B 16 -24.98 -21.81 -28.64
N GLY B 17 -26.30 -21.66 -28.71
CA GLY B 17 -27.18 -22.81 -28.74
C GLY B 17 -28.38 -22.52 -29.63
N ARG B 18 -29.38 -23.39 -29.55
CA ARG B 18 -30.60 -23.19 -30.29
C ARG B 18 -31.79 -23.71 -29.50
N VAL B 19 -32.99 -23.32 -29.91
CA VAL B 19 -34.23 -23.74 -29.26
C VAL B 19 -35.14 -24.42 -30.27
N GLU B 20 -35.86 -25.44 -29.82
CA GLU B 20 -36.70 -26.22 -30.71
C GLU B 20 -38.01 -26.63 -30.04
N TYR B 21 -39.13 -26.25 -30.67
CA TYR B 21 -40.46 -26.58 -30.17
C TYR B 21 -40.74 -28.06 -30.36
N ILE B 22 -40.94 -28.78 -29.26
CA ILE B 22 -41.25 -30.20 -29.34
C ILE B 22 -42.74 -30.44 -29.57
N THR B 23 -43.57 -29.55 -29.03
CA THR B 23 -45.01 -29.64 -29.22
C THR B 23 -45.39 -29.32 -30.66
N GLY B 24 -44.97 -28.15 -31.13
CA GLY B 24 -45.26 -27.71 -32.49
C GLY B 24 -44.69 -26.34 -32.77
N PRO B 25 -44.43 -26.07 -34.05
CA PRO B 25 -43.87 -24.79 -34.48
C PRO B 25 -44.76 -23.62 -34.10
N GLY B 26 -44.27 -22.73 -33.25
CA GLY B 26 -45.03 -21.57 -32.84
C GLY B 26 -46.15 -21.89 -31.86
N VAL B 27 -45.91 -22.87 -30.99
CA VAL B 27 -46.86 -23.18 -29.92
C VAL B 27 -46.25 -22.79 -28.58
N THR B 28 -46.82 -21.75 -27.98
CA THR B 28 -46.29 -21.18 -26.75
C THR B 28 -47.41 -20.87 -25.75
N THR B 29 -48.51 -21.59 -25.88
CA THR B 29 -49.69 -21.35 -25.05
C THR B 29 -49.44 -21.70 -23.58
N TYR B 30 -49.63 -22.94 -23.17
CA TYR B 30 -49.52 -23.46 -21.81
C TYR B 30 -49.45 -24.98 -21.82
N LYS B 31 -48.28 -25.51 -21.42
CA LYS B 31 -48.07 -26.95 -21.37
C LYS B 31 -47.12 -27.44 -22.46
N ALA B 32 -46.77 -26.55 -23.38
CA ALA B 32 -45.86 -26.89 -24.47
C ALA B 32 -44.47 -27.23 -23.94
N VAL B 33 -43.85 -28.34 -24.51
CA VAL B 33 -42.54 -28.81 -24.06
C VAL B 33 -41.46 -28.62 -25.12
N ILE B 34 -40.55 -27.68 -24.87
CA ILE B 34 -39.47 -27.37 -25.80
C ILE B 34 -38.13 -27.97 -25.36
N GLN B 35 -37.14 -27.92 -26.24
CA GLN B 35 -35.82 -28.47 -25.95
C GLN B 35 -34.70 -27.50 -26.28
N TYR B 36 -33.84 -27.23 -25.31
CA TYR B 36 -32.66 -26.40 -25.52
C TYR B 36 -31.44 -27.29 -25.80
N SER B 37 -30.60 -26.85 -26.72
CA SER B 37 -29.40 -27.61 -27.07
C SER B 37 -28.24 -26.68 -27.40
N CYS B 38 -27.02 -27.16 -27.19
CA CYS B 38 -25.83 -26.36 -27.44
C CYS B 38 -25.13 -26.79 -28.72
N GLU B 39 -24.34 -25.90 -29.29
CA GLU B 39 -23.44 -26.29 -30.38
C GLU B 39 -22.38 -27.22 -29.78
N GLU B 40 -22.62 -28.52 -29.92
CA GLU B 40 -21.91 -29.55 -29.16
C GLU B 40 -20.41 -29.71 -29.47
N THR B 41 -19.99 -29.35 -30.67
CA THR B 41 -18.57 -29.47 -31.05
C THR B 41 -17.66 -28.59 -30.18
N PHE B 42 -18.11 -27.37 -29.84
CA PHE B 42 -17.26 -26.42 -29.13
C PHE B 42 -17.84 -25.94 -27.80
N TYR B 43 -19.07 -26.33 -27.50
CA TYR B 43 -19.73 -25.95 -26.26
C TYR B 43 -20.40 -27.15 -25.60
N THR B 44 -20.57 -27.09 -24.28
CA THR B 44 -21.33 -28.10 -23.57
C THR B 44 -22.35 -27.43 -22.66
N MET B 45 -23.58 -27.94 -22.68
CA MET B 45 -24.65 -27.44 -21.82
C MET B 45 -24.31 -27.71 -20.37
N LYS B 46 -24.48 -26.69 -19.53
CA LYS B 46 -24.17 -26.84 -18.11
C LYS B 46 -25.41 -26.59 -17.25
N VAL B 47 -25.34 -27.08 -16.01
CA VAL B 47 -26.40 -26.87 -15.01
C VAL B 47 -27.79 -27.29 -15.49
N ASN B 48 -27.84 -28.04 -16.59
CA ASN B 48 -29.12 -28.39 -17.21
C ASN B 48 -29.04 -29.56 -18.19
N ASP B 49 -30.10 -29.72 -18.98
CA ASP B 49 -30.14 -30.75 -20.02
C ASP B 49 -31.24 -30.54 -21.06
N GLY B 50 -31.74 -29.30 -21.15
CA GLY B 50 -32.57 -28.91 -22.28
C GLY B 50 -34.07 -28.83 -22.07
N LYS B 51 -34.67 -29.88 -21.50
CA LYS B 51 -36.12 -29.96 -21.35
C LYS B 51 -36.73 -28.77 -20.61
N TYR B 52 -37.59 -28.02 -21.31
CA TYR B 52 -38.27 -26.86 -20.73
C TYR B 52 -39.74 -26.82 -21.12
N VAL B 53 -40.58 -26.30 -20.22
CA VAL B 53 -42.03 -26.37 -20.40
C VAL B 53 -42.73 -25.03 -20.12
N CYS B 54 -43.93 -24.87 -20.66
CA CYS B 54 -44.72 -23.65 -20.48
C CYS B 54 -45.68 -23.78 -19.29
N GLY B 58 -46.78 -17.69 -16.29
CA GLY B 58 -46.73 -17.36 -17.70
C GLY B 58 -45.31 -17.21 -18.21
N PHE B 59 -44.42 -18.10 -17.77
CA PHE B 59 -43.02 -18.07 -18.18
C PHE B 59 -42.51 -19.47 -18.48
N TRP B 60 -41.34 -19.56 -19.11
CA TRP B 60 -40.71 -20.84 -19.43
C TRP B 60 -39.95 -21.38 -18.22
N THR B 61 -40.22 -22.64 -17.88
CA THR B 61 -39.61 -23.27 -16.72
C THR B 61 -39.00 -24.62 -17.08
N SER B 62 -38.03 -25.06 -16.30
CA SER B 62 -37.27 -26.28 -16.62
C SER B 62 -37.87 -27.54 -16.03
N SER B 63 -37.32 -28.69 -16.42
CA SER B 63 -37.79 -29.99 -15.96
C SER B 63 -37.50 -30.21 -14.48
N LYS B 64 -36.31 -29.78 -14.05
CA LYS B 64 -35.91 -29.94 -12.65
C LYS B 64 -36.61 -28.93 -11.74
N GLY B 65 -36.74 -27.70 -12.21
CA GLY B 65 -37.40 -26.66 -11.46
C GLY B 65 -36.71 -25.32 -11.57
N GLU B 66 -36.12 -25.05 -12.72
CA GLU B 66 -35.42 -23.79 -12.96
C GLU B 66 -36.18 -22.93 -13.97
N LYS B 67 -35.98 -21.62 -13.91
CA LYS B 67 -36.66 -20.70 -14.82
C LYS B 67 -35.71 -20.14 -15.88
N SER B 68 -34.50 -19.77 -15.44
CA SER B 68 -33.53 -19.15 -16.32
C SER B 68 -32.94 -20.14 -17.33
N LEU B 69 -32.25 -19.60 -18.33
CA LEU B 69 -31.71 -20.39 -19.44
C LEU B 69 -30.62 -21.36 -19.02
N PRO B 70 -30.46 -22.44 -19.78
CA PRO B 70 -29.26 -23.27 -19.69
C PRO B 70 -28.04 -22.46 -20.10
N VAL B 71 -26.85 -23.00 -19.89
CA VAL B 71 -25.63 -22.31 -20.24
C VAL B 71 -24.77 -23.18 -21.16
N CYS B 72 -24.46 -22.65 -22.34
CA CYS B 72 -23.52 -23.31 -23.23
C CYS B 72 -22.13 -22.80 -22.89
N GLU B 73 -21.27 -23.68 -22.39
CA GLU B 73 -19.92 -23.30 -21.97
C GLU B 73 -18.87 -23.82 -22.93
N PRO B 74 -17.99 -22.92 -23.39
CA PRO B 74 -16.94 -23.29 -24.35
C PRO B 74 -16.02 -24.39 -23.85
N VAL B 75 -15.73 -25.37 -24.69
CA VAL B 75 -14.75 -26.39 -24.34
C VAL B 75 -13.38 -25.70 -24.24
N CYS B 76 -12.54 -26.12 -23.31
CA CYS B 76 -11.27 -25.45 -23.09
C CYS B 76 -10.06 -26.38 -23.19
N GLY B 77 -8.90 -25.82 -23.48
CA GLY B 77 -7.65 -26.55 -23.33
C GLY B 77 -7.31 -27.55 -24.44
N LEU B 78 -8.01 -27.44 -25.56
CA LEU B 78 -7.65 -28.20 -26.75
C LEU B 78 -6.41 -27.61 -27.42
N SER B 79 -5.58 -28.46 -27.98
CA SER B 79 -4.38 -28.03 -28.67
C SER B 79 -3.99 -29.00 -29.78
N ALA B 80 -3.46 -28.48 -30.88
CA ALA B 80 -2.98 -29.32 -31.96
C ALA B 80 -1.61 -29.89 -31.63
N ARG B 81 -1.04 -29.44 -30.52
CA ARG B 81 0.29 -29.89 -30.12
C ARG B 81 0.28 -31.38 -29.81
N THR B 82 0.71 -32.16 -30.80
CA THR B 82 0.88 -33.59 -30.65
C THR B 82 2.37 -33.90 -30.63
N THR B 83 2.96 -33.82 -29.44
CA THR B 83 4.40 -33.98 -29.29
C THR B 83 4.80 -35.45 -29.38
N ILE B 87 9.78 -14.58 -27.05
CA ILE B 87 10.17 -15.94 -26.69
C ILE B 87 11.59 -16.23 -27.15
N TYR B 88 12.46 -16.55 -26.20
CA TYR B 88 13.87 -16.81 -26.42
C TYR B 88 14.14 -18.32 -26.51
N GLY B 89 14.82 -18.75 -27.56
CA GLY B 89 15.20 -20.14 -27.72
C GLY B 89 14.04 -21.08 -28.02
N GLY B 90 12.97 -20.57 -28.62
CA GLY B 90 11.82 -21.39 -28.92
C GLY B 90 11.68 -21.74 -30.38
N GLN B 91 10.45 -22.03 -30.80
CA GLN B 91 10.20 -22.31 -32.19
C GLN B 91 8.80 -21.85 -32.57
N LYS B 92 8.49 -21.91 -33.87
CA LYS B 92 7.27 -21.33 -34.41
C LYS B 92 6.05 -22.18 -34.12
N ALA B 93 5.01 -21.56 -33.58
CA ALA B 93 3.75 -22.24 -33.33
C ALA B 93 2.99 -22.54 -34.62
N LYS B 94 2.20 -23.60 -34.60
CA LYS B 94 1.35 -23.95 -35.74
C LYS B 94 -0.08 -23.56 -35.42
N PRO B 95 -0.92 -23.47 -36.45
CA PRO B 95 -2.35 -23.19 -36.25
C PRO B 95 -2.94 -24.22 -35.28
N GLY B 96 -3.72 -23.76 -34.31
CA GLY B 96 -4.34 -24.66 -33.35
C GLY B 96 -3.45 -25.02 -32.17
N ASP B 97 -2.18 -24.64 -32.21
CA ASP B 97 -1.28 -24.96 -31.10
C ASP B 97 -1.72 -24.22 -29.85
N PHE B 98 -1.92 -22.91 -29.98
CA PHE B 98 -2.28 -22.03 -28.88
C PHE B 98 -3.51 -21.19 -29.23
N PRO B 99 -4.67 -21.83 -29.32
CA PRO B 99 -5.87 -21.17 -29.85
C PRO B 99 -6.45 -20.11 -28.89
N TRP B 100 -6.00 -20.14 -27.65
CA TRP B 100 -6.41 -19.14 -26.66
C TRP B 100 -5.53 -17.89 -26.77
N GLN B 101 -4.47 -17.96 -27.56
CA GLN B 101 -3.51 -16.85 -27.62
C GLN B 101 -4.16 -15.57 -28.16
N VAL B 102 -3.96 -14.48 -27.44
CA VAL B 102 -4.60 -13.22 -27.77
C VAL B 102 -3.55 -12.13 -27.86
N LEU B 103 -3.66 -11.28 -28.88
CA LEU B 103 -2.80 -10.12 -29.04
C LEU B 103 -3.49 -8.86 -28.52
N ILE B 104 -2.79 -8.09 -27.69
CA ILE B 104 -3.32 -6.87 -27.12
C ILE B 104 -2.47 -5.66 -27.54
N LEU B 105 -3.10 -4.73 -28.26
CA LEU B 105 -2.41 -3.56 -28.77
C LEU B 105 -2.70 -2.32 -27.92
N GLY B 106 -2.24 -1.16 -28.37
CA GLY B 106 -2.51 0.10 -27.68
C GLY B 106 -1.33 0.63 -26.90
N GLY B 107 -0.68 -0.25 -26.13
CA GLY B 107 0.56 0.10 -25.46
C GLY B 107 1.69 -0.53 -26.24
N THR B 108 2.70 -1.02 -25.53
CA THR B 108 3.73 -1.83 -26.18
C THR B 108 3.18 -3.24 -26.37
N THR B 109 3.76 -4.00 -27.29
CA THR B 109 3.27 -5.36 -27.57
C THR B 109 3.02 -6.15 -26.28
N ALA B 110 1.83 -6.72 -26.15
CA ALA B 110 1.50 -7.57 -25.02
C ALA B 110 0.49 -8.61 -25.46
N ALA B 111 0.16 -9.54 -24.58
CA ALA B 111 -0.71 -10.66 -24.94
C ALA B 111 -1.64 -11.04 -23.80
N GLY B 112 -2.54 -11.98 -24.09
CA GLY B 112 -3.40 -12.53 -23.06
C GLY B 112 -3.84 -13.92 -23.45
N ALA B 113 -4.75 -14.48 -22.67
CA ALA B 113 -5.33 -15.78 -22.99
C ALA B 113 -6.85 -15.73 -22.84
N LEU B 114 -7.54 -16.21 -23.86
CA LEU B 114 -9.00 -16.30 -23.86
C LEU B 114 -9.53 -17.21 -22.75
N LEU B 115 -10.52 -16.72 -22.01
CA LEU B 115 -11.27 -17.54 -21.08
C LEU B 115 -12.73 -17.52 -21.52
N TYR B 116 -13.40 -18.66 -21.43
CA TYR B 116 -14.79 -18.73 -21.90
C TYR B 116 -14.78 -18.14 -23.32
N ASP B 117 -15.91 -17.66 -23.85
CA ASP B 117 -15.88 -16.98 -25.14
C ASP B 117 -15.93 -15.46 -24.99
N ASN B 118 -15.66 -14.84 -23.83
CA ASN B 118 -15.84 -13.39 -23.69
C ASN B 118 -14.95 -12.72 -22.64
N TRP B 119 -13.92 -13.44 -22.21
CA TRP B 119 -12.97 -12.88 -21.24
C TRP B 119 -11.54 -13.09 -21.72
N VAL B 120 -10.65 -12.21 -21.28
CA VAL B 120 -9.24 -12.39 -21.55
C VAL B 120 -8.43 -12.25 -20.27
N LEU B 121 -7.64 -13.28 -19.96
CA LEU B 121 -6.73 -13.23 -18.81
C LEU B 121 -5.39 -12.65 -19.27
N THR B 122 -4.88 -11.66 -18.53
CA THR B 122 -3.59 -11.06 -18.87
C THR B 122 -2.86 -10.55 -17.63
N ALA B 123 -1.74 -9.87 -17.85
CA ALA B 123 -1.01 -9.23 -16.74
C ALA B 123 -1.52 -7.81 -16.51
N ALA B 124 -1.59 -7.40 -15.24
CA ALA B 124 -1.97 -6.04 -14.91
C ALA B 124 -1.01 -5.03 -15.54
N HIS B 125 0.29 -5.32 -15.48
CA HIS B 125 1.29 -4.38 -15.98
C HIS B 125 1.13 -4.15 -17.47
N ALA B 126 0.60 -5.15 -18.17
CA ALA B 126 0.44 -5.09 -19.63
C ALA B 126 -0.68 -4.14 -20.07
N VAL B 127 -1.68 -3.93 -19.21
CA VAL B 127 -2.84 -3.13 -19.59
C VAL B 127 -3.13 -1.95 -18.67
N TYR B 128 -2.31 -1.78 -17.62
CA TYR B 128 -2.56 -0.76 -16.62
C TYR B 128 -2.68 0.64 -17.23
N GLU B 129 -1.73 1.00 -18.07
CA GLU B 129 -1.68 2.34 -18.64
C GLU B 129 -2.88 2.63 -19.53
N GLN B 130 -3.27 1.65 -20.35
CA GLN B 130 -4.39 1.82 -21.26
C GLN B 130 -5.72 1.92 -20.53
N LYS B 131 -5.88 1.11 -19.49
CA LYS B 131 -7.13 1.11 -18.75
C LYS B 131 -7.32 2.46 -18.06
N HIS B 132 -6.25 2.98 -17.47
CA HIS B 132 -6.32 4.24 -16.73
C HIS B 132 -6.19 5.44 -17.66
N ASP B 133 -6.19 5.16 -18.96
CA ASP B 133 -6.32 6.19 -19.97
C ASP B 133 -7.73 6.14 -20.55
N ALA B 134 -8.56 5.28 -19.95
CA ALA B 134 -9.94 5.12 -20.38
C ALA B 134 -10.03 4.81 -21.87
N SER B 135 -9.07 4.05 -22.37
CA SER B 135 -9.03 3.68 -23.79
C SER B 135 -9.37 2.21 -23.94
N ALA B 136 -10.35 1.91 -24.79
CA ALA B 136 -10.73 0.51 -25.06
C ALA B 136 -9.55 -0.21 -25.70
N LEU B 137 -9.34 -1.47 -25.30
CA LEU B 137 -8.20 -2.25 -25.81
C LEU B 137 -8.53 -2.90 -27.13
N ASP B 138 -7.61 -2.78 -28.09
CA ASP B 138 -7.67 -3.43 -29.39
C ASP B 138 -7.19 -4.87 -29.22
N ILE B 139 -8.11 -5.81 -29.29
CA ILE B 139 -7.81 -7.19 -28.99
C ILE B 139 -7.98 -8.05 -30.22
N ARG B 140 -6.96 -8.85 -30.54
CA ARG B 140 -6.95 -9.64 -31.76
C ARG B 140 -6.62 -11.10 -31.48
N MET B 141 -7.39 -12.00 -32.07
CA MET B 141 -7.09 -13.41 -31.94
C MET B 141 -7.28 -14.16 -33.25
N GLY B 142 -7.02 -15.46 -33.22
CA GLY B 142 -7.17 -16.30 -34.39
C GLY B 142 -6.09 -16.09 -35.45
N THR B 143 -5.03 -15.38 -35.09
CA THR B 143 -3.91 -15.15 -36.00
C THR B 143 -2.55 -15.49 -35.38
N LEU B 144 -1.66 -16.02 -36.21
CA LEU B 144 -0.29 -16.35 -35.78
C LEU B 144 0.63 -15.18 -36.04
N LYS B 145 0.29 -14.38 -37.05
CA LYS B 145 1.11 -13.24 -37.44
C LYS B 145 0.63 -11.97 -36.75
N ARG B 146 1.53 -11.38 -35.98
CA ARG B 146 1.27 -10.20 -35.16
C ARG B 146 0.77 -9.00 -35.98
N LEU B 147 1.36 -8.81 -37.16
CA LEU B 147 1.11 -7.62 -37.97
C LEU B 147 0.17 -7.88 -39.14
N SER B 148 -0.52 -9.02 -39.12
CA SER B 148 -1.43 -9.38 -40.20
C SER B 148 -2.71 -8.54 -40.15
N PRO B 149 -3.25 -8.21 -41.32
CA PRO B 149 -4.56 -7.55 -41.41
C PRO B 149 -5.72 -8.53 -41.19
N HIS B 150 -5.41 -9.83 -41.15
CA HIS B 150 -6.44 -10.86 -41.01
C HIS B 150 -6.44 -11.47 -39.61
N TYR B 151 -7.50 -11.18 -38.86
CA TYR B 151 -7.63 -11.66 -37.50
C TYR B 151 -9.07 -11.47 -37.05
N THR B 152 -9.41 -12.08 -35.92
CA THR B 152 -10.69 -11.84 -35.28
C THR B 152 -10.58 -10.67 -34.32
N GLN B 153 -11.41 -9.66 -34.53
CA GLN B 153 -11.39 -8.43 -33.74
C GLN B 153 -12.32 -8.55 -32.54
N ALA B 154 -11.80 -8.17 -31.37
CA ALA B 154 -12.58 -8.02 -30.16
C ALA B 154 -12.22 -6.68 -29.51
N TRP B 155 -13.10 -6.18 -28.65
CA TRP B 155 -12.90 -4.91 -27.99
C TRP B 155 -13.23 -5.05 -26.53
N SER B 156 -12.44 -4.41 -25.67
CA SER B 156 -12.68 -4.49 -24.24
C SER B 156 -13.90 -3.67 -23.87
N GLU B 157 -14.71 -4.22 -22.96
CA GLU B 157 -15.83 -3.51 -22.38
C GLU B 157 -15.45 -3.05 -20.98
N ALA B 158 -14.62 -3.83 -20.31
CA ALA B 158 -14.15 -3.48 -18.98
C ALA B 158 -12.82 -4.17 -18.69
N VAL B 159 -11.98 -3.51 -17.92
CA VAL B 159 -10.71 -4.06 -17.52
C VAL B 159 -10.63 -4.07 -16.00
N PHE B 160 -10.41 -5.24 -15.42
CA PHE B 160 -10.26 -5.37 -13.98
C PHE B 160 -8.81 -5.62 -13.60
N ILE B 161 -8.23 -4.68 -12.88
CA ILE B 161 -6.86 -4.82 -12.41
C ILE B 161 -6.91 -5.29 -10.97
N HIS B 162 -6.16 -6.34 -10.62
CA HIS B 162 -6.17 -6.82 -9.24
C HIS B 162 -5.91 -5.65 -8.31
N GLU B 163 -6.69 -5.54 -7.24
CA GLU B 163 -6.59 -4.36 -6.39
C GLU B 163 -5.35 -4.39 -5.48
N GLY B 164 -4.61 -5.48 -5.50
CA GLY B 164 -3.37 -5.58 -4.75
C GLY B 164 -2.14 -5.24 -5.57
N TYR B 165 -2.35 -4.99 -6.86
CA TYR B 165 -1.27 -4.60 -7.77
C TYR B 165 -0.93 -3.11 -7.60
N THR B 166 0.36 -2.79 -7.58
CA THR B 166 0.81 -1.41 -7.53
C THR B 166 1.78 -1.16 -8.68
N HIS B 167 1.29 -0.50 -9.73
CA HIS B 167 2.09 -0.25 -10.93
C HIS B 167 3.44 0.39 -10.67
N ASP B 168 4.49 -0.21 -11.24
CA ASP B 168 5.85 0.33 -11.17
C ASP B 168 6.47 0.15 -9.80
N ALA B 169 5.81 -0.65 -8.96
CA ALA B 169 6.33 -0.94 -7.61
C ALA B 169 6.23 -2.45 -7.33
N GLY B 170 7.04 -3.22 -8.06
CA GLY B 170 7.01 -4.67 -7.92
C GLY B 170 5.85 -5.23 -8.70
N PHE B 171 5.83 -6.56 -8.85
CA PHE B 171 4.84 -7.23 -9.70
C PHE B 171 3.94 -8.18 -8.92
N ASP B 172 3.87 -7.99 -7.60
CA ASP B 172 2.97 -8.78 -6.77
C ASP B 172 1.54 -8.50 -7.24
N ASN B 173 0.74 -9.56 -7.36
CA ASN B 173 -0.64 -9.41 -7.82
C ASN B 173 -0.75 -8.91 -9.26
N ASP B 174 0.23 -9.29 -10.08
CA ASP B 174 0.25 -8.85 -11.48
C ASP B 174 -0.73 -9.68 -12.32
N ILE B 175 -2.01 -9.34 -12.22
CA ILE B 175 -3.04 -10.06 -12.96
C ILE B 175 -4.20 -9.14 -13.24
N ALA B 176 -4.86 -9.37 -14.38
CA ALA B 176 -6.00 -8.56 -14.78
C ALA B 176 -6.96 -9.37 -15.63
N LEU B 177 -8.23 -8.96 -15.64
CA LEU B 177 -9.23 -9.55 -16.51
C LEU B 177 -9.85 -8.53 -17.43
N ILE B 178 -9.95 -8.88 -18.71
CA ILE B 178 -10.66 -8.05 -19.67
C ILE B 178 -11.97 -8.74 -20.04
N LYS B 179 -13.07 -8.03 -19.89
CA LYS B 179 -14.33 -8.50 -20.42
C LYS B 179 -14.50 -7.95 -21.84
N LEU B 180 -14.80 -8.83 -22.79
CA LEU B 180 -15.02 -8.42 -24.17
C LEU B 180 -16.48 -7.97 -24.34
N ASN B 181 -16.73 -7.01 -25.23
CA ASN B 181 -18.07 -6.47 -25.39
C ASN B 181 -19.00 -7.41 -26.17
N ASN B 182 -18.42 -8.43 -26.79
CA ASN B 182 -19.20 -9.46 -27.46
C ASN B 182 -18.56 -10.85 -27.32
N LYS B 183 -19.38 -11.88 -27.42
CA LYS B 183 -18.86 -13.25 -27.46
C LYS B 183 -18.02 -13.47 -28.72
N VAL B 184 -16.84 -14.06 -28.53
CA VAL B 184 -16.03 -14.51 -29.66
C VAL B 184 -16.63 -15.78 -30.25
N VAL B 185 -16.56 -15.92 -31.57
CA VAL B 185 -16.98 -17.17 -32.20
C VAL B 185 -15.90 -18.23 -32.03
N ILE B 186 -16.26 -19.28 -31.30
CA ILE B 186 -15.32 -20.33 -30.94
C ILE B 186 -15.17 -21.37 -32.05
N ASN B 187 -13.94 -21.54 -32.53
CA ASN B 187 -13.62 -22.56 -33.53
C ASN B 187 -12.26 -23.22 -33.27
N SER B 188 -11.83 -24.06 -34.21
CA SER B 188 -10.58 -24.78 -34.06
C SER B 188 -9.39 -23.85 -33.82
N ASN B 189 -9.48 -22.64 -34.37
CA ASN B 189 -8.40 -21.67 -34.22
C ASN B 189 -8.57 -20.74 -33.03
N ILE B 190 -9.77 -20.70 -32.45
CA ILE B 190 -10.04 -19.87 -31.29
C ILE B 190 -10.83 -20.63 -30.22
N THR B 191 -10.13 -21.08 -29.18
CA THR B 191 -10.76 -21.75 -28.04
C THR B 191 -10.01 -21.34 -26.76
N PRO B 192 -10.75 -21.23 -25.66
CA PRO B 192 -10.19 -20.73 -24.40
C PRO B 192 -9.22 -21.73 -23.75
N ILE B 193 -8.34 -21.21 -22.90
CA ILE B 193 -7.54 -22.06 -22.03
C ILE B 193 -8.38 -22.48 -20.83
N CYS B 194 -8.05 -23.61 -20.20
CA CYS B 194 -8.74 -24.02 -18.98
C CYS B 194 -8.13 -23.34 -17.76
N LEU B 195 -8.99 -22.93 -16.82
CA LEU B 195 -8.51 -22.49 -15.52
C LEU B 195 -8.06 -23.72 -14.75
N PRO B 196 -7.02 -23.57 -13.93
CA PRO B 196 -6.50 -24.69 -13.14
C PRO B 196 -7.50 -25.18 -12.10
N ARG B 197 -7.75 -26.48 -12.09
CA ARG B 197 -8.58 -27.11 -11.08
C ARG B 197 -7.77 -27.21 -9.78
N LYS B 198 -8.42 -27.63 -8.70
CA LYS B 198 -7.79 -27.61 -7.39
C LYS B 198 -6.47 -28.37 -7.31
N GLU B 199 -6.41 -29.52 -7.96
CA GLU B 199 -5.23 -30.38 -7.92
C GLU B 199 -4.25 -30.13 -9.05
N ALA B 200 -4.43 -29.04 -9.79
CA ALA B 200 -3.53 -28.72 -10.91
C ALA B 200 -2.08 -28.52 -10.45
N GLU B 201 -1.88 -28.25 -9.16
CA GLU B 201 -0.55 -28.14 -8.59
C GLU B 201 0.29 -29.41 -8.79
N SER B 202 -0.38 -30.56 -8.89
CA SER B 202 0.30 -31.83 -9.16
C SER B 202 1.02 -31.85 -10.51
N PHE B 203 0.64 -30.95 -11.41
CA PHE B 203 1.28 -30.85 -12.71
C PHE B 203 2.20 -29.64 -12.74
N MET B 204 2.35 -28.97 -11.60
CA MET B 204 3.14 -27.75 -11.54
C MET B 204 4.19 -27.84 -10.44
N ARG B 205 4.87 -28.97 -10.34
CA ARG B 205 5.93 -29.11 -9.35
C ARG B 205 7.25 -28.74 -9.97
N THR B 206 8.25 -28.47 -9.13
CA THR B 206 9.60 -28.22 -9.60
C THR B 206 9.99 -29.25 -10.66
N ASP B 207 10.50 -28.76 -11.79
CA ASP B 207 10.94 -29.60 -12.93
C ASP B 207 9.81 -30.04 -13.85
N ASP B 208 8.56 -29.73 -13.48
CA ASP B 208 7.47 -29.95 -14.41
C ASP B 208 7.57 -28.95 -15.54
N ILE B 209 7.09 -29.33 -16.71
CA ILE B 209 7.29 -28.54 -17.93
C ILE B 209 6.06 -27.69 -18.27
N GLY B 210 6.26 -26.40 -18.44
CA GLY B 210 5.21 -25.53 -18.91
C GLY B 210 5.59 -24.93 -20.25
N THR B 211 4.64 -24.27 -20.89
CA THR B 211 4.89 -23.67 -22.19
C THR B 211 4.51 -22.20 -22.23
N ALA B 212 5.48 -21.38 -22.61
CA ALA B 212 5.26 -19.97 -22.82
C ALA B 212 5.18 -19.72 -24.33
N SER B 213 4.18 -18.92 -24.73
CA SER B 213 4.03 -18.55 -26.13
C SER B 213 3.88 -17.04 -26.26
N GLY B 214 4.34 -16.48 -27.38
CA GLY B 214 4.21 -15.06 -27.59
C GLY B 214 4.94 -14.54 -28.81
N TRP B 215 4.82 -13.23 -29.00
CA TRP B 215 5.47 -12.55 -30.10
C TRP B 215 6.61 -11.67 -29.57
N GLY B 216 7.02 -11.92 -28.33
CA GLY B 216 8.07 -11.13 -27.69
C GLY B 216 9.47 -11.36 -28.25
N LEU B 217 10.46 -10.70 -27.65
CA LEU B 217 11.83 -10.75 -28.15
C LEU B 217 12.37 -12.19 -28.26
N THR B 218 13.09 -12.45 -29.34
CA THR B 218 13.81 -13.72 -29.50
C THR B 218 15.28 -13.47 -29.19
N GLN B 219 16.13 -14.47 -29.43
CA GLN B 219 17.55 -14.30 -29.18
C GLN B 219 18.18 -13.24 -30.08
N ARG B 220 17.49 -12.87 -31.16
CA ARG B 220 17.96 -11.84 -32.08
C ARG B 220 17.83 -10.44 -31.45
N GLY B 221 16.99 -10.33 -30.43
CA GLY B 221 16.80 -9.06 -29.77
C GLY B 221 15.68 -8.24 -30.39
N PHE B 222 14.87 -8.88 -31.23
CA PHE B 222 13.72 -8.22 -31.84
C PHE B 222 12.47 -9.03 -31.60
N LEU B 223 11.33 -8.35 -31.60
CA LEU B 223 10.04 -9.02 -31.53
C LEU B 223 9.94 -10.04 -32.66
N ALA B 224 9.09 -11.04 -32.49
CA ALA B 224 8.85 -12.01 -33.56
C ALA B 224 7.63 -11.59 -34.39
N ARG B 225 7.63 -11.95 -35.66
CA ARG B 225 6.48 -11.66 -36.51
C ARG B 225 5.42 -12.73 -36.33
N ASN B 226 5.89 -13.98 -36.16
CA ASN B 226 5.02 -15.12 -35.96
C ASN B 226 5.07 -15.59 -34.52
N LEU B 227 3.95 -16.13 -34.05
CA LEU B 227 3.84 -16.69 -32.70
C LEU B 227 4.89 -17.79 -32.47
N MET B 228 5.65 -17.64 -31.38
CA MET B 228 6.64 -18.63 -30.98
C MET B 228 6.26 -19.25 -29.64
N TYR B 229 6.90 -20.37 -29.29
CA TYR B 229 6.70 -20.98 -27.98
C TYR B 229 7.95 -21.71 -27.50
N VAL B 230 8.06 -21.88 -26.18
CA VAL B 230 9.11 -22.74 -25.58
C VAL B 230 8.57 -23.52 -24.40
N ASP B 231 9.10 -24.72 -24.23
CA ASP B 231 8.85 -25.53 -23.04
C ASP B 231 9.94 -25.23 -22.01
N ILE B 232 9.53 -24.94 -20.79
CA ILE B 232 10.51 -24.61 -19.74
C ILE B 232 10.09 -25.23 -18.42
N PRO B 233 11.07 -25.63 -17.62
CA PRO B 233 10.82 -26.29 -16.34
C PRO B 233 10.53 -25.27 -15.25
N ILE B 234 9.61 -25.61 -14.35
CA ILE B 234 9.39 -24.83 -13.13
C ILE B 234 10.65 -24.88 -12.27
N VAL B 235 11.02 -23.74 -11.73
CA VAL B 235 12.23 -23.60 -10.94
C VAL B 235 11.91 -23.51 -9.45
N ASP B 236 12.73 -24.17 -8.63
CA ASP B 236 12.57 -24.11 -7.19
C ASP B 236 12.44 -22.66 -6.71
N HIS B 237 11.46 -22.42 -5.85
CA HIS B 237 11.11 -21.05 -5.42
C HIS B 237 12.22 -20.34 -4.63
N GLN B 238 12.87 -21.06 -3.73
CA GLN B 238 14.00 -20.48 -3.01
C GLN B 238 15.14 -20.11 -3.96
N LYS B 239 15.41 -20.99 -4.91
CA LYS B 239 16.49 -20.79 -5.86
C LYS B 239 16.17 -19.58 -6.76
N CYS B 240 14.90 -19.41 -7.07
CA CYS B 240 14.47 -18.25 -7.84
C CYS B 240 14.50 -16.97 -7.03
N THR B 241 14.09 -17.08 -5.76
CA THR B 241 14.12 -15.96 -4.85
C THR B 241 15.54 -15.41 -4.72
N ALA B 242 16.49 -16.31 -4.49
CA ALA B 242 17.89 -15.93 -4.30
C ALA B 242 18.47 -15.26 -5.54
N ALA B 243 17.98 -15.66 -6.71
CA ALA B 243 18.49 -15.14 -7.97
C ALA B 243 18.16 -13.64 -8.12
N TYR B 244 17.13 -13.19 -7.41
CA TYR B 244 16.70 -11.80 -7.52
C TYR B 244 17.00 -11.01 -6.26
N GLU B 245 17.76 -11.62 -5.36
CA GLU B 245 18.14 -10.96 -4.11
C GLU B 245 19.44 -10.22 -4.31
N LYS B 246 19.36 -9.16 -5.11
CA LYS B 246 20.53 -8.38 -5.50
C LYS B 246 20.05 -7.12 -6.20
N PRO B 247 20.86 -6.07 -6.18
CA PRO B 247 20.59 -4.87 -6.99
C PRO B 247 20.47 -5.27 -8.46
N PRO B 248 19.58 -4.63 -9.21
CA PRO B 248 18.81 -3.48 -8.75
C PRO B 248 17.42 -3.82 -8.22
N TYR B 249 17.18 -5.09 -7.92
CA TYR B 249 15.87 -5.54 -7.47
C TYR B 249 15.59 -5.20 -5.99
N PRO B 250 14.42 -4.65 -5.72
CA PRO B 250 14.02 -4.36 -4.34
C PRO B 250 13.82 -5.64 -3.53
N ARG B 251 14.04 -5.57 -2.22
CA ARG B 251 13.84 -6.70 -1.33
C ARG B 251 12.45 -7.33 -1.52
N GLY B 252 12.40 -8.65 -1.48
CA GLY B 252 11.14 -9.37 -1.62
C GLY B 252 10.43 -9.20 -2.96
N SER B 253 11.19 -9.21 -4.05
CA SER B 253 10.60 -9.07 -5.37
C SER B 253 9.89 -10.36 -5.80
N VAL B 254 10.42 -11.51 -5.39
CA VAL B 254 9.76 -12.77 -5.68
C VAL B 254 8.88 -13.14 -4.50
N THR B 255 7.58 -13.27 -4.72
CA THR B 255 6.63 -13.53 -3.64
C THR B 255 5.93 -14.87 -3.81
N ALA B 256 5.13 -15.22 -2.81
CA ALA B 256 4.35 -16.44 -2.83
C ALA B 256 3.27 -16.42 -3.91
N ASN B 257 3.03 -15.26 -4.51
CA ASN B 257 2.07 -15.18 -5.62
C ASN B 257 2.74 -15.30 -6.99
N MET B 258 3.93 -15.86 -7.01
CA MET B 258 4.69 -16.03 -8.24
C MET B 258 5.30 -17.42 -8.32
N LEU B 259 5.45 -17.95 -9.53
CA LEU B 259 6.27 -19.12 -9.77
C LEU B 259 7.31 -18.73 -10.80
N CYS B 260 8.40 -19.49 -10.83
CA CYS B 260 9.47 -19.22 -11.76
C CYS B 260 9.72 -20.38 -12.70
N ALA B 261 10.20 -20.07 -13.89
CA ALA B 261 10.42 -21.09 -14.90
C ALA B 261 11.54 -20.66 -15.83
N GLY B 262 12.41 -21.60 -16.19
CA GLY B 262 13.53 -21.32 -17.08
C GLY B 262 14.71 -22.24 -16.82
N LEU B 263 15.82 -21.96 -17.51
CA LEU B 263 17.01 -22.78 -17.38
C LEU B 263 18.09 -22.03 -16.60
N GLU B 264 19.01 -22.79 -16.03
CA GLU B 264 20.20 -22.20 -15.41
C GLU B 264 21.06 -21.47 -16.43
N SER B 265 21.00 -21.90 -17.68
CA SER B 265 21.85 -21.34 -18.74
C SER B 265 21.23 -20.11 -19.39
N GLY B 266 19.92 -19.94 -19.22
CA GLY B 266 19.21 -18.84 -19.84
C GLY B 266 18.74 -19.14 -21.26
N GLY B 267 19.00 -20.36 -21.73
CA GLY B 267 18.70 -20.73 -23.11
C GLY B 267 17.24 -20.64 -23.56
N LYS B 268 16.32 -20.68 -22.61
CA LYS B 268 14.90 -20.63 -22.94
C LYS B 268 14.17 -19.68 -21.99
N ASP B 269 13.37 -18.78 -22.54
CA ASP B 269 12.83 -17.68 -21.73
C ASP B 269 11.67 -16.99 -22.43
N SER B 270 10.91 -16.21 -21.67
CA SER B 270 9.94 -15.30 -22.26
C SER B 270 10.49 -13.89 -22.06
N CYS B 271 10.20 -12.99 -23.00
CA CYS B 271 10.84 -11.66 -22.99
C CYS B 271 9.86 -10.53 -23.08
N ARG B 272 10.41 -9.31 -23.09
CA ARG B 272 9.65 -8.12 -23.47
C ARG B 272 8.75 -8.44 -24.67
N GLY B 273 7.47 -8.12 -24.55
CA GLY B 273 6.52 -8.39 -25.61
C GLY B 273 5.70 -9.65 -25.36
N ASP B 274 6.21 -10.51 -24.49
CA ASP B 274 5.52 -11.75 -24.13
C ASP B 274 4.55 -11.50 -22.96
N SER B 275 4.67 -10.32 -22.35
CA SER B 275 3.85 -9.88 -21.23
C SER B 275 2.39 -10.25 -21.35
N GLY B 276 1.85 -10.88 -20.31
CA GLY B 276 0.44 -11.19 -20.26
C GLY B 276 0.09 -12.57 -20.79
N GLY B 277 1.03 -13.19 -21.51
CA GLY B 277 0.82 -14.52 -22.04
C GLY B 277 0.59 -15.58 -20.96
N ALA B 278 -0.17 -16.61 -21.31
CA ALA B 278 -0.40 -17.74 -20.42
C ALA B 278 0.76 -18.74 -20.49
N LEU B 279 1.33 -19.05 -19.33
CA LEU B 279 2.22 -20.19 -19.19
C LEU B 279 1.33 -21.40 -18.94
N VAL B 280 1.25 -22.29 -19.91
CA VAL B 280 0.31 -23.40 -19.88
C VAL B 280 0.96 -24.73 -19.51
N PHE B 281 0.17 -25.61 -18.90
CA PHE B 281 0.62 -26.94 -18.54
C PHE B 281 -0.42 -27.97 -18.99
N LEU B 282 0.00 -29.21 -19.23
CA LEU B 282 -0.92 -30.25 -19.65
C LEU B 282 -1.37 -31.14 -18.49
N ASP B 283 -2.68 -31.12 -18.22
CA ASP B 283 -3.29 -32.10 -17.32
C ASP B 283 -3.34 -33.41 -18.10
N SER B 284 -2.42 -34.31 -17.81
CA SER B 284 -2.29 -35.55 -18.57
C SER B 284 -3.46 -36.53 -18.38
N GLU B 285 -4.31 -36.25 -17.40
CA GLU B 285 -5.45 -37.11 -17.15
C GLU B 285 -6.70 -36.68 -17.93
N THR B 286 -6.97 -35.39 -17.97
CA THR B 286 -8.08 -34.87 -18.77
C THR B 286 -7.62 -34.65 -20.20
N GLU B 287 -6.31 -34.53 -20.38
CA GLU B 287 -5.73 -34.27 -21.68
C GLU B 287 -6.13 -32.89 -22.19
N ARG B 288 -6.20 -31.94 -21.25
CA ARG B 288 -6.54 -30.57 -21.56
C ARG B 288 -5.47 -29.67 -20.98
N TRP B 289 -5.12 -28.62 -21.71
CA TRP B 289 -4.13 -27.66 -21.25
C TRP B 289 -4.80 -26.67 -20.30
N PHE B 290 -4.03 -26.14 -19.35
CA PHE B 290 -4.55 -25.13 -18.43
C PHE B 290 -3.51 -24.06 -18.16
N VAL B 291 -3.96 -22.91 -17.68
CA VAL B 291 -3.06 -21.79 -17.42
C VAL B 291 -2.60 -21.83 -15.97
N GLY B 292 -1.31 -22.05 -15.77
CA GLY B 292 -0.76 -22.05 -14.43
C GLY B 292 -0.03 -20.77 -14.11
N GLY B 293 0.36 -20.04 -15.17
CA GLY B 293 1.12 -18.80 -14.99
C GLY B 293 0.81 -17.72 -16.01
N ILE B 294 1.16 -16.49 -15.67
CA ILE B 294 1.05 -15.36 -16.56
C ILE B 294 2.41 -14.70 -16.69
N VAL B 295 2.86 -14.45 -17.93
CA VAL B 295 4.15 -13.80 -18.15
C VAL B 295 4.17 -12.43 -17.45
N SER B 296 5.01 -12.30 -16.44
CA SER B 296 4.97 -11.11 -15.60
C SER B 296 6.28 -10.29 -15.65
N TRP B 297 7.39 -10.86 -15.18
CA TRP B 297 8.65 -10.13 -15.15
C TRP B 297 9.87 -11.04 -15.08
N GLY B 298 11.04 -10.43 -15.09
CA GLY B 298 12.31 -11.15 -15.08
C GLY B 298 13.39 -10.11 -15.17
N SER B 299 14.63 -10.54 -15.38
CA SER B 299 15.72 -9.58 -15.56
C SER B 299 15.56 -8.88 -16.90
N MET B 300 16.15 -7.69 -17.00
CA MET B 300 16.04 -6.82 -18.16
C MET B 300 16.52 -7.51 -19.46
N ASN B 301 17.65 -8.20 -19.38
CA ASN B 301 18.16 -8.94 -20.52
C ASN B 301 17.53 -10.32 -20.63
N CYS B 302 16.96 -10.63 -21.79
CA CYS B 302 16.27 -11.90 -21.96
C CYS B 302 17.20 -13.08 -22.17
N GLY B 303 16.85 -14.20 -21.56
CA GLY B 303 17.64 -15.42 -21.67
C GLY B 303 18.96 -15.31 -20.93
N GLU B 304 18.98 -14.49 -19.89
CA GLU B 304 20.16 -14.33 -19.05
C GLU B 304 20.33 -15.54 -18.13
N ALA B 305 21.53 -16.11 -18.09
CA ALA B 305 21.82 -17.27 -17.26
C ALA B 305 21.56 -17.01 -15.77
N GLY B 306 20.85 -17.92 -15.12
CA GLY B 306 20.57 -17.79 -13.69
C GLY B 306 19.52 -16.77 -13.28
N GLN B 307 18.87 -16.13 -14.26
CA GLN B 307 17.79 -15.18 -13.97
C GLN B 307 16.47 -15.66 -14.60
N TYR B 308 15.77 -16.49 -13.84
CA TYR B 308 14.56 -17.16 -14.30
C TYR B 308 13.41 -16.19 -14.57
N GLY B 309 12.58 -16.56 -15.53
CA GLY B 309 11.34 -15.83 -15.78
C GLY B 309 10.44 -15.99 -14.57
N VAL B 310 9.73 -14.92 -14.23
CA VAL B 310 8.86 -14.95 -13.07
C VAL B 310 7.43 -14.78 -13.54
N TYR B 311 6.55 -15.69 -13.10
CA TYR B 311 5.18 -15.71 -13.58
C TYR B 311 4.21 -15.56 -12.42
N THR B 312 3.11 -14.85 -12.66
CA THR B 312 2.03 -14.75 -11.70
C THR B 312 1.47 -16.14 -11.47
N LYS B 313 1.33 -16.53 -10.22
CA LYS B 313 0.82 -17.86 -9.86
C LYS B 313 -0.70 -17.88 -9.91
N VAL B 314 -1.24 -18.27 -11.06
CA VAL B 314 -2.66 -18.15 -11.35
C VAL B 314 -3.57 -18.83 -10.32
N ILE B 315 -3.16 -20.00 -9.83
CA ILE B 315 -4.01 -20.78 -8.92
C ILE B 315 -4.31 -20.01 -7.64
N ASN B 316 -3.43 -19.08 -7.25
CA ASN B 316 -3.66 -18.22 -6.10
C ASN B 316 -4.83 -17.26 -6.31
N TYR B 317 -5.23 -17.05 -7.56
CA TYR B 317 -6.19 -16.02 -7.93
C TYR B 317 -7.51 -16.57 -8.45
N ILE B 318 -7.71 -17.87 -8.30
CA ILE B 318 -8.95 -18.51 -8.72
C ILE B 318 -10.21 -17.89 -8.09
N PRO B 319 -10.22 -17.66 -6.77
CA PRO B 319 -11.37 -16.97 -6.15
C PRO B 319 -11.62 -15.57 -6.72
N TRP B 320 -10.55 -14.78 -6.90
CA TRP B 320 -10.64 -13.46 -7.50
C TRP B 320 -11.21 -13.56 -8.92
N ILE B 321 -10.64 -14.46 -9.72
CA ILE B 321 -11.12 -14.67 -11.09
C ILE B 321 -12.60 -15.07 -11.12
N GLU B 322 -12.97 -16.04 -10.30
CA GLU B 322 -14.36 -16.50 -10.25
C GLU B 322 -15.31 -15.42 -9.73
N ASN B 323 -14.87 -14.64 -8.76
CA ASN B 323 -15.63 -13.48 -8.27
C ASN B 323 -15.98 -12.50 -9.40
N ILE B 324 -14.98 -12.11 -10.20
CA ILE B 324 -15.21 -11.10 -11.23
C ILE B 324 -16.04 -11.66 -12.39
N ILE B 325 -15.66 -12.84 -12.86
CA ILE B 325 -16.37 -13.45 -13.98
C ILE B 325 -17.82 -13.77 -13.64
N SER B 326 -18.08 -14.18 -12.40
CA SER B 326 -19.45 -14.50 -12.00
C SER B 326 -20.28 -13.25 -11.75
N ASP B 327 -19.63 -12.16 -11.37
CA ASP B 327 -20.35 -10.95 -10.97
C ASP B 327 -20.58 -9.98 -12.13
N PHE B 328 -19.89 -10.17 -13.25
CA PHE B 328 -20.05 -9.29 -14.39
C PHE B 328 -20.33 -10.09 -15.67
NA NA C . -14.58 20.99 9.25
C1 GOL D . 11.17 14.33 26.79
O1 GOL D . 11.95 15.52 26.82
C2 GOL D . 10.55 14.16 25.42
O2 GOL D . 9.98 15.38 24.99
C3 GOL D . 9.49 13.06 25.43
O3 GOL D . 8.52 13.27 26.44
C1 GOL E . -6.46 19.94 9.41
O1 GOL E . -6.00 21.04 8.66
C2 GOL E . -7.96 20.06 9.70
O2 GOL E . -8.51 21.17 9.03
C3 GOL E . -8.17 20.24 11.20
O3 GOL E . -9.25 19.44 11.63
C1 GOL F . 17.23 35.65 11.89
O1 GOL F . 16.40 34.99 10.95
C2 GOL F . 16.88 35.19 13.30
O2 GOL F . 17.27 33.85 13.50
C3 GOL F . 15.37 35.32 13.52
O3 GOL F . 15.14 36.12 14.65
C1 GOL G . 3.34 13.16 31.89
O1 GOL G . 4.33 13.33 32.88
C2 GOL G . 3.41 11.75 31.31
O2 GOL G . 4.68 11.53 30.74
C3 GOL G . 2.34 11.59 30.25
O3 GOL G . 1.17 11.07 30.84
NA NA H . 15.49 -12.02 -18.23
C1 GOL I . -13.91 -22.75 -19.60
O1 GOL I . -14.47 -22.47 -20.87
C2 GOL I . -13.16 -21.52 -19.09
O2 GOL I . -12.20 -21.10 -20.04
C3 GOL I . -12.48 -21.78 -17.75
O3 GOL I . -11.86 -23.05 -17.71
C1 GOL J . 8.98 -9.25 -19.03
O1 GOL J . 8.02 -9.41 -20.05
C2 GOL J . 9.83 -10.51 -18.89
O2 GOL J . 10.45 -10.80 -20.11
C3 GOL J . 8.96 -11.70 -18.49
O3 GOL J . 9.73 -12.88 -18.51
C1 GOL K . -18.60 -16.61 -18.88
O1 GOL K . -18.88 -16.30 -20.23
C2 GOL K . -19.56 -15.86 -17.97
O2 GOL K . -20.84 -16.44 -18.08
C3 GOL K . -19.62 -14.39 -18.34
O3 GOL K . -19.14 -13.61 -17.26
#